data_9K2E
#
_entry.id   9K2E
#
_cell.length_a   50.800
_cell.length_b   87.430
_cell.length_c   93.140
_cell.angle_alpha   90.000
_cell.angle_beta   98.510
_cell.angle_gamma   90.000
#
_symmetry.space_group_name_H-M   'P 1 21 1'
#
loop_
_entity.id
_entity.type
_entity.pdbx_description
1 polymer 'Acid sphingomyelinase-like phosphodiesterase 3b'
2 non-polymer 2-acetamido-2-deoxy-beta-D-glucopyranose
3 non-polymer 'ZINC ION'
4 non-polymer 'PHOSPHATE ION'
5 water water
#
_entity_poly.entity_id   1
_entity_poly.type   'polypeptide(L)'
_entity_poly.pdbx_seq_one_letter_code
;QLGRFWHISDLHLDPNYTVSKDPLQVCPSAGSQPVLNAGPWGDYLCDSPWALINSSLYAMKEIEPKPDFILWTGDDTPHV
PNESLGEAAVLAIVERLTNLIKEVFPDTKVYAALGNHDFHPKNQFPAQSNRIYNQVAELWRPWLSNESYALFKRGAFYSE
KLPGPSRAGRVVVLNTNLYYSNNEQTAGMADPGEQFRWLGDVLSNASRDGEMVYVIGHVPPGFFEKTQNKAWFRESFNEE
YLKVIQKHHRVIAGQFFGHHHTDSFRMFYDNTGAPINVMFLTPGVTPWKTTLPGVVDGANNPGIRIFEYDRATLNLKDLV
TYFLNLRQANVQETPRWEQEYRLTEAYQVPDASVSSMHTALTRIASEPHILQRYYVYNSVSYNHLTCEDSCRIEHVCAIQ
HVAFNTYATCLHGLEHHHHHH
;
_entity_poly.pdbx_strand_id   A,B
#
# COMPACT_ATOMS: atom_id res chain seq x y z
N LEU A 2 -28.19 5.44 0.99
CA LEU A 2 -26.90 5.80 0.40
C LEU A 2 -26.54 4.85 -0.74
N GLY A 3 -26.46 5.39 -1.95
CA GLY A 3 -26.07 4.61 -3.10
C GLY A 3 -24.59 4.71 -3.41
N ARG A 4 -24.09 3.73 -4.14
CA ARG A 4 -22.71 3.73 -4.60
C ARG A 4 -22.66 3.41 -6.08
N PHE A 5 -21.70 4.03 -6.78
CA PHE A 5 -21.45 3.64 -8.16
C PHE A 5 -19.97 3.65 -8.46
N TRP A 6 -19.55 2.71 -9.31
CA TRP A 6 -18.14 2.66 -9.69
C TRP A 6 -17.88 3.62 -10.83
N HIS A 7 -16.64 4.12 -10.88
CA HIS A 7 -16.14 4.84 -12.05
C HIS A 7 -14.76 4.29 -12.39
N ILE A 8 -14.65 3.76 -13.61
CA ILE A 8 -13.39 3.27 -14.14
C ILE A 8 -13.20 3.85 -15.54
N SER A 9 -11.94 4.00 -15.93
CA SER A 9 -11.64 4.66 -17.20
C SER A 9 -10.22 4.32 -17.60
N ASP A 10 -9.96 4.42 -18.91
CA ASP A 10 -8.63 4.28 -19.49
C ASP A 10 -7.97 2.97 -19.07
N LEU A 11 -8.67 1.88 -19.39
CA LEU A 11 -8.12 0.56 -19.10
C LEU A 11 -6.97 0.23 -20.05
N HIS A 12 -7.07 0.64 -21.32
CA HIS A 12 -5.98 0.57 -22.30
C HIS A 12 -5.30 -0.81 -22.29
N LEU A 13 -6.07 -1.81 -22.69
CA LEU A 13 -5.52 -3.16 -22.81
C LEU A 13 -4.41 -3.20 -23.85
N ASP A 14 -3.26 -3.77 -23.48
CA ASP A 14 -2.24 -4.13 -24.46
C ASP A 14 -2.34 -5.62 -24.70
N PRO A 15 -2.84 -6.06 -25.86
CA PRO A 15 -3.00 -7.50 -26.10
C PRO A 15 -1.69 -8.27 -26.07
N ASN A 16 -0.58 -7.60 -26.41
CA ASN A 16 0.70 -8.27 -26.63
C ASN A 16 1.63 -8.18 -25.42
N TYR A 17 1.13 -7.71 -24.27
CA TYR A 17 1.97 -7.66 -23.09
C TYR A 17 2.41 -9.07 -22.70
N THR A 18 3.72 -9.28 -22.63
CA THR A 18 4.30 -10.56 -22.24
C THR A 18 5.52 -10.31 -21.37
N VAL A 19 5.70 -11.14 -20.36
CA VAL A 19 6.89 -11.02 -19.51
C VAL A 19 8.08 -11.60 -20.26
N SER A 20 8.78 -10.76 -21.00
CA SER A 20 9.83 -11.19 -21.90
C SER A 20 11.20 -10.83 -21.34
N LYS A 21 12.18 -11.70 -21.61
CA LYS A 21 13.56 -11.39 -21.29
C LYS A 21 14.12 -10.31 -22.21
N ASP A 22 13.46 -10.04 -23.33
CA ASP A 22 13.86 -8.97 -24.24
C ASP A 22 13.16 -7.69 -23.78
N PRO A 23 13.89 -6.66 -23.32
CA PRO A 23 13.22 -5.43 -22.90
C PRO A 23 12.44 -4.74 -24.00
N LEU A 24 12.76 -5.01 -25.27
CA LEU A 24 12.12 -4.36 -26.39
C LEU A 24 10.94 -5.16 -26.94
N GLN A 25 10.63 -6.32 -26.36
CA GLN A 25 9.52 -7.13 -26.83
C GLN A 25 8.55 -7.46 -25.69
N VAL A 26 8.51 -6.62 -24.67
CA VAL A 26 7.57 -6.82 -23.57
C VAL A 26 6.19 -6.33 -23.95
N CYS A 27 6.10 -5.10 -24.47
CA CYS A 27 4.83 -4.50 -24.79
C CYS A 27 5.01 -3.50 -25.92
N PRO A 28 4.20 -3.58 -26.99
CA PRO A 28 4.31 -2.58 -28.06
C PRO A 28 3.97 -1.18 -27.60
N SER A 29 3.17 -1.02 -26.55
CA SER A 29 2.76 0.29 -26.06
C SER A 29 3.91 1.09 -25.45
N ALA A 30 5.06 0.46 -25.20
CA ALA A 30 6.23 1.19 -24.71
C ALA A 30 7.09 1.75 -25.83
N GLY A 31 6.74 1.47 -27.08
CA GLY A 31 7.56 1.94 -28.19
C GLY A 31 8.95 1.35 -28.12
N SER A 32 9.96 2.20 -28.28
CA SER A 32 11.36 1.79 -28.25
C SER A 32 11.97 1.92 -26.86
N GLN A 33 11.18 2.25 -25.85
CA GLN A 33 11.69 2.35 -24.49
C GLN A 33 11.98 0.96 -23.94
N PRO A 34 13.21 0.65 -23.56
CA PRO A 34 13.47 -0.66 -22.93
C PRO A 34 12.63 -0.84 -21.68
N VAL A 35 12.04 -2.01 -21.55
CA VAL A 35 11.24 -2.37 -20.39
C VAL A 35 12.03 -3.43 -19.64
N LEU A 36 12.75 -3.00 -18.60
CA LEU A 36 13.62 -3.89 -17.84
C LEU A 36 12.84 -4.51 -16.69
N ASN A 37 12.94 -5.83 -16.57
CA ASN A 37 12.28 -6.59 -15.50
C ASN A 37 10.78 -6.26 -15.42
N ALA A 38 10.08 -6.59 -16.50
CA ALA A 38 8.63 -6.46 -16.51
C ALA A 38 8.00 -7.52 -15.61
N GLY A 39 6.89 -7.14 -14.97
CA GLY A 39 6.20 -8.04 -14.07
C GLY A 39 4.85 -8.48 -14.61
N PRO A 40 4.28 -9.52 -14.00
CA PRO A 40 3.03 -10.08 -14.54
C PRO A 40 1.83 -9.13 -14.49
N TRP A 41 1.83 -8.15 -13.59
CA TRP A 41 0.69 -7.26 -13.44
C TRP A 41 0.83 -5.96 -14.20
N GLY A 42 1.93 -5.78 -14.92
CA GLY A 42 2.12 -4.61 -15.77
C GLY A 42 3.46 -3.96 -15.53
N ASP A 43 3.70 -2.89 -16.28
CA ASP A 43 4.90 -2.09 -16.16
C ASP A 43 4.51 -0.63 -16.38
N TYR A 44 5.19 0.27 -15.65
CA TYR A 44 4.86 1.69 -15.77
C TYR A 44 5.10 2.23 -17.16
N LEU A 45 5.88 1.52 -18.00
CA LEU A 45 6.09 1.93 -19.38
C LEU A 45 5.07 1.33 -20.34
N CYS A 46 4.23 0.42 -19.87
CA CYS A 46 3.33 -0.34 -20.72
C CYS A 46 1.88 -0.02 -20.41
N ASP A 47 1.01 -0.27 -21.39
CA ASP A 47 -0.41 -0.30 -21.13
C ASP A 47 -0.77 -1.62 -20.41
N SER A 48 -2.03 -1.74 -20.04
CA SER A 48 -2.43 -2.80 -19.13
C SER A 48 -2.31 -4.18 -19.77
N PRO A 49 -1.68 -5.14 -19.11
CA PRO A 49 -1.91 -6.55 -19.48
C PRO A 49 -3.32 -6.94 -19.07
N TRP A 50 -3.84 -7.98 -19.74
CA TRP A 50 -5.17 -8.48 -19.40
C TRP A 50 -5.25 -8.89 -17.94
N ALA A 51 -4.15 -9.39 -17.37
CA ALA A 51 -4.15 -9.75 -15.96
C ALA A 51 -4.49 -8.57 -15.09
N LEU A 52 -3.94 -7.39 -15.41
CA LEU A 52 -4.22 -6.20 -14.62
C LEU A 52 -5.68 -5.78 -14.71
N ILE A 53 -6.25 -5.81 -15.92
CA ILE A 53 -7.64 -5.37 -16.10
C ILE A 53 -8.59 -6.32 -15.38
N ASN A 54 -8.36 -7.62 -15.55
CA ASN A 54 -9.11 -8.63 -14.80
C ASN A 54 -9.00 -8.41 -13.29
N SER A 55 -7.78 -8.11 -12.82
CA SER A 55 -7.57 -7.83 -11.40
C SER A 55 -8.38 -6.61 -10.96
N SER A 56 -8.43 -5.57 -11.79
CA SER A 56 -9.18 -4.37 -11.43
C SER A 56 -10.66 -4.68 -11.30
N LEU A 57 -11.21 -5.46 -12.24
CA LEU A 57 -12.63 -5.79 -12.16
C LEU A 57 -12.94 -6.64 -10.92
N TYR A 58 -12.09 -7.63 -10.61
CA TYR A 58 -12.37 -8.47 -9.45
C TYR A 58 -12.09 -7.73 -8.14
N ALA A 59 -11.18 -6.75 -8.16
CA ALA A 59 -11.03 -5.88 -7.00
C ALA A 59 -12.28 -5.04 -6.77
N MET A 60 -12.85 -4.50 -7.85
CA MET A 60 -14.12 -3.80 -7.73
C MET A 60 -15.18 -4.71 -7.13
N LYS A 61 -15.25 -5.96 -7.61
CA LYS A 61 -16.24 -6.90 -7.10
C LYS A 61 -16.03 -7.20 -5.61
N GLU A 62 -14.77 -7.35 -5.19
CA GLU A 62 -14.50 -7.58 -3.78
C GLU A 62 -14.88 -6.37 -2.93
N ILE A 63 -14.56 -5.16 -3.38
CA ILE A 63 -14.83 -3.96 -2.60
C ILE A 63 -16.32 -3.66 -2.55
N GLU A 64 -16.99 -3.75 -3.70
CA GLU A 64 -18.42 -3.47 -3.78
C GLU A 64 -19.00 -4.29 -4.90
N PRO A 65 -19.52 -5.49 -4.61
CA PRO A 65 -20.07 -6.35 -5.67
C PRO A 65 -21.41 -5.88 -6.18
N LYS A 66 -22.10 -4.97 -5.48
CA LYS A 66 -23.46 -4.58 -5.83
C LYS A 66 -23.57 -3.06 -5.92
N PRO A 67 -22.86 -2.44 -6.86
CA PRO A 67 -23.04 -1.00 -7.07
C PRO A 67 -24.39 -0.73 -7.69
N ASP A 68 -24.90 0.48 -7.46
CA ASP A 68 -26.09 0.91 -8.19
C ASP A 68 -25.83 0.86 -9.69
N PHE A 69 -24.65 1.29 -10.12
CA PHE A 69 -24.27 1.23 -11.52
C PHE A 69 -22.76 1.45 -11.64
N ILE A 70 -22.28 1.32 -12.88
CA ILE A 70 -20.89 1.57 -13.18
C ILE A 70 -20.81 2.59 -14.31
N LEU A 71 -20.00 3.62 -14.12
CA LEU A 71 -19.63 4.55 -15.17
C LEU A 71 -18.28 4.11 -15.74
N TRP A 72 -18.24 3.98 -17.06
CA TRP A 72 -17.04 3.50 -17.77
C TRP A 72 -16.82 4.45 -18.94
N THR A 73 -15.73 5.22 -18.89
CA THR A 73 -15.53 6.30 -19.84
C THR A 73 -14.40 6.04 -20.84
N GLY A 74 -14.24 4.79 -21.26
CA GLY A 74 -13.61 4.48 -22.54
C GLY A 74 -12.09 4.34 -22.51
N ASP A 75 -11.51 4.36 -23.72
CA ASP A 75 -10.10 4.16 -23.99
C ASP A 75 -9.61 2.75 -23.65
N ASP A 76 -10.02 1.79 -24.47
CA ASP A 76 -9.77 0.37 -24.27
C ASP A 76 -8.54 -0.17 -24.99
N THR A 77 -7.99 0.55 -25.96
CA THR A 77 -6.94 0.05 -26.84
C THR A 77 -5.59 0.63 -26.45
N PRO A 78 -4.48 0.00 -26.85
CA PRO A 78 -3.16 0.46 -26.41
C PRO A 78 -2.66 1.65 -27.22
N HIS A 79 -1.65 2.31 -26.66
CA HIS A 79 -1.02 3.47 -27.31
C HIS A 79 0.03 2.95 -28.29
N VAL A 80 -0.44 2.61 -29.48
CA VAL A 80 0.38 1.99 -30.51
C VAL A 80 0.05 2.64 -31.85
N PRO A 81 0.91 2.46 -32.85
CA PRO A 81 0.60 2.98 -34.18
C PRO A 81 -0.71 2.39 -34.70
N ASN A 82 -1.45 3.22 -35.46
CA ASN A 82 -2.71 2.79 -36.04
C ASN A 82 -2.54 1.51 -36.85
N GLU A 83 -1.39 1.37 -37.52
CA GLU A 83 -1.15 0.23 -38.40
C GLU A 83 -1.10 -1.08 -37.62
N SER A 84 -0.73 -1.03 -36.35
CA SER A 84 -0.69 -2.24 -35.52
C SER A 84 -2.07 -2.64 -35.03
N LEU A 85 -3.10 -1.83 -35.29
CA LEU A 85 -4.38 -1.96 -34.58
C LEU A 85 -5.50 -1.58 -35.56
N GLY A 86 -6.06 -2.59 -36.22
CA GLY A 86 -7.15 -2.36 -37.14
C GLY A 86 -8.49 -2.23 -36.43
N GLU A 87 -9.53 -2.03 -37.25
CA GLU A 87 -10.88 -1.87 -36.72
C GLU A 87 -11.36 -3.14 -36.03
N ALA A 88 -11.07 -4.31 -36.62
CA ALA A 88 -11.48 -5.57 -36.02
C ALA A 88 -10.89 -5.75 -34.64
N ALA A 89 -9.60 -5.44 -34.49
CA ALA A 89 -8.96 -5.57 -33.18
C ALA A 89 -9.56 -4.60 -32.17
N VAL A 90 -9.83 -3.36 -32.60
CA VAL A 90 -10.41 -2.38 -31.68
C VAL A 90 -11.77 -2.85 -31.19
N LEU A 91 -12.62 -3.31 -32.11
CA LEU A 91 -13.95 -3.76 -31.72
C LEU A 91 -13.87 -5.01 -30.85
N ALA A 92 -12.96 -5.93 -31.16
CA ALA A 92 -12.79 -7.13 -30.34
C ALA A 92 -12.35 -6.77 -28.93
N ILE A 93 -11.43 -5.80 -28.79
CA ILE A 93 -10.98 -5.40 -27.46
C ILE A 93 -12.12 -4.77 -26.67
N VAL A 94 -12.89 -3.89 -27.33
CA VAL A 94 -14.04 -3.29 -26.67
C VAL A 94 -15.02 -4.37 -26.22
N GLU A 95 -15.27 -5.35 -27.08
CA GLU A 95 -16.18 -6.43 -26.74
C GLU A 95 -15.66 -7.26 -25.57
N ARG A 96 -14.34 -7.50 -25.53
CA ARG A 96 -13.79 -8.31 -24.44
C ARG A 96 -13.91 -7.59 -23.10
N LEU A 97 -13.62 -6.28 -23.08
CA LEU A 97 -13.80 -5.52 -21.85
C LEU A 97 -15.27 -5.44 -21.44
N THR A 98 -16.17 -5.24 -22.42
CA THR A 98 -17.60 -5.26 -22.15
C THR A 98 -18.02 -6.57 -21.51
N ASN A 99 -17.59 -7.70 -22.10
CA ASN A 99 -17.98 -9.00 -21.59
C ASN A 99 -17.37 -9.28 -20.23
N LEU A 100 -16.16 -8.79 -19.96
CA LEU A 100 -15.60 -8.92 -18.62
C LEU A 100 -16.44 -8.18 -17.58
N ILE A 101 -16.83 -6.94 -17.90
CA ILE A 101 -17.67 -6.19 -16.96
C ILE A 101 -18.99 -6.92 -16.75
N LYS A 102 -19.58 -7.43 -17.83
CA LYS A 102 -20.84 -8.15 -17.72
C LYS A 102 -20.69 -9.42 -16.90
N GLU A 103 -19.55 -10.10 -17.01
CA GLU A 103 -19.36 -11.35 -16.29
C GLU A 103 -19.11 -11.09 -14.80
N VAL A 104 -18.35 -10.05 -14.48
CA VAL A 104 -18.07 -9.76 -13.08
C VAL A 104 -19.27 -9.08 -12.41
N PHE A 105 -20.00 -8.24 -13.15
CA PHE A 105 -21.15 -7.51 -12.62
C PHE A 105 -22.37 -7.82 -13.50
N PRO A 106 -22.89 -9.04 -13.43
CA PRO A 106 -23.87 -9.50 -14.43
C PRO A 106 -25.13 -8.66 -14.51
N ASP A 107 -25.55 -8.05 -13.42
CA ASP A 107 -26.88 -7.46 -13.30
C ASP A 107 -26.83 -5.96 -13.07
N THR A 108 -25.68 -5.35 -13.32
CA THR A 108 -25.43 -3.96 -13.00
C THR A 108 -25.54 -3.13 -14.26
N LYS A 109 -26.33 -2.06 -14.21
CA LYS A 109 -26.37 -1.12 -15.31
C LYS A 109 -25.03 -0.42 -15.46
N VAL A 110 -24.60 -0.26 -16.70
CA VAL A 110 -23.35 0.42 -17.04
C VAL A 110 -23.68 1.59 -17.95
N TYR A 111 -23.12 2.76 -17.64
CA TYR A 111 -23.16 3.92 -18.52
C TYR A 111 -21.77 4.04 -19.10
N ALA A 112 -21.65 3.72 -20.39
CA ALA A 112 -20.36 3.59 -21.05
C ALA A 112 -20.22 4.67 -22.11
N ALA A 113 -19.07 5.34 -22.11
CA ALA A 113 -18.71 6.33 -23.11
C ALA A 113 -17.47 5.84 -23.86
N LEU A 114 -17.43 6.10 -25.16
CA LEU A 114 -16.27 5.72 -25.95
C LEU A 114 -15.13 6.69 -25.69
N GLY A 115 -13.92 6.16 -25.57
CA GLY A 115 -12.75 7.00 -25.44
C GLY A 115 -12.10 7.26 -26.79
N ASN A 116 -11.18 8.23 -26.81
CA ASN A 116 -10.61 8.66 -28.08
C ASN A 116 -9.82 7.57 -28.78
N HIS A 117 -9.34 6.57 -28.03
CA HIS A 117 -8.65 5.42 -28.61
C HIS A 117 -9.59 4.31 -29.06
N ASP A 118 -10.88 4.39 -28.71
CA ASP A 118 -11.83 3.35 -29.09
C ASP A 118 -12.35 3.59 -30.50
N PHE A 119 -11.44 3.78 -31.44
CA PHE A 119 -11.79 3.95 -32.84
C PHE A 119 -10.58 3.60 -33.69
N HIS A 120 -10.83 3.32 -34.96
CA HIS A 120 -9.76 3.12 -35.93
C HIS A 120 -10.09 3.94 -37.17
N PRO A 121 -9.25 4.91 -37.53
CA PRO A 121 -8.00 5.31 -36.87
C PRO A 121 -8.28 6.05 -35.56
N LYS A 122 -7.32 6.05 -34.64
CA LYS A 122 -7.52 6.65 -33.34
C LYS A 122 -7.90 8.12 -33.49
N ASN A 123 -8.83 8.56 -32.63
CA ASN A 123 -9.26 9.95 -32.49
C ASN A 123 -10.15 10.43 -33.64
N GLN A 124 -10.33 9.62 -34.69
CA GLN A 124 -11.08 10.09 -35.86
C GLN A 124 -12.55 9.73 -35.72
N PHE A 125 -13.19 10.35 -34.72
CA PHE A 125 -14.60 10.09 -34.44
C PHE A 125 -15.48 10.89 -35.39
N PRO A 126 -16.26 10.24 -36.25
CA PRO A 126 -17.12 10.98 -37.17
C PRO A 126 -18.33 11.58 -36.45
N ALA A 127 -18.92 12.58 -37.10
CA ALA A 127 -20.17 13.18 -36.64
C ALA A 127 -21.40 12.49 -37.23
N GLN A 128 -21.27 11.20 -37.57
CA GLN A 128 -22.34 10.44 -38.19
C GLN A 128 -22.14 8.97 -37.86
N SER A 129 -23.15 8.17 -38.18
CA SER A 129 -23.10 6.74 -37.92
C SER A 129 -21.97 6.09 -38.71
N ASN A 130 -21.47 4.97 -38.20
CA ASN A 130 -20.38 4.21 -38.82
C ASN A 130 -20.36 2.82 -38.20
N ARG A 131 -19.48 1.97 -38.74
CA ARG A 131 -19.42 0.57 -38.31
C ARG A 131 -19.15 0.45 -36.81
N ILE A 132 -18.23 1.27 -36.30
CA ILE A 132 -17.82 1.11 -34.90
C ILE A 132 -18.94 1.54 -33.96
N TYR A 133 -19.60 2.66 -34.25
CA TYR A 133 -20.74 3.08 -33.43
C TYR A 133 -21.83 2.02 -33.42
N ASN A 134 -22.14 1.46 -34.59
CA ASN A 134 -23.19 0.43 -34.70
C ASN A 134 -22.83 -0.81 -33.89
N GLN A 135 -21.60 -1.31 -34.05
CA GLN A 135 -21.21 -2.52 -33.32
C GLN A 135 -21.18 -2.28 -31.81
N VAL A 136 -20.63 -1.14 -31.38
CA VAL A 136 -20.56 -0.85 -29.95
C VAL A 136 -21.96 -0.65 -29.37
N ALA A 137 -22.87 -0.07 -30.15
CA ALA A 137 -24.26 0.01 -29.73
C ALA A 137 -24.84 -1.38 -29.52
N GLU A 138 -24.49 -2.33 -30.40
CA GLU A 138 -24.91 -3.70 -30.18
C GLU A 138 -24.31 -4.29 -28.90
N LEU A 139 -23.02 -4.01 -28.65
CA LEU A 139 -22.36 -4.54 -27.46
C LEU A 139 -22.98 -4.01 -26.18
N TRP A 140 -23.33 -2.72 -26.15
CA TRP A 140 -23.86 -2.08 -24.97
C TRP A 140 -25.38 -2.03 -24.96
N ARG A 141 -26.03 -2.69 -25.93
CA ARG A 141 -27.49 -2.68 -26.01
C ARG A 141 -28.19 -3.07 -24.71
N PRO A 142 -27.73 -4.06 -23.92
CA PRO A 142 -28.44 -4.37 -22.67
C PRO A 142 -28.51 -3.20 -21.69
N TRP A 143 -27.63 -2.22 -21.82
CA TRP A 143 -27.65 -1.03 -20.97
C TRP A 143 -28.34 0.16 -21.62
N LEU A 144 -28.86 0.01 -22.83
CA LEU A 144 -29.39 1.14 -23.59
C LEU A 144 -30.89 0.99 -23.79
N SER A 145 -31.62 2.08 -23.55
CA SER A 145 -32.99 2.15 -24.02
C SER A 145 -32.99 2.25 -25.55
N ASN A 146 -34.17 2.04 -26.14
CA ASN A 146 -34.28 2.06 -27.60
C ASN A 146 -33.85 3.41 -28.17
N GLU A 147 -34.28 4.49 -27.53
CA GLU A 147 -33.82 5.82 -27.94
C GLU A 147 -32.32 5.95 -27.78
N SER A 148 -31.76 5.47 -26.66
CA SER A 148 -30.32 5.53 -26.46
C SER A 148 -29.60 4.68 -27.49
N TYR A 149 -30.17 3.54 -27.85
CA TYR A 149 -29.59 2.68 -28.88
C TYR A 149 -29.49 3.41 -30.21
N ALA A 150 -30.59 4.02 -30.65
CA ALA A 150 -30.56 4.76 -31.91
C ALA A 150 -29.60 5.94 -31.85
N LEU A 151 -29.61 6.68 -30.74
CA LEU A 151 -28.75 7.84 -30.61
C LEU A 151 -27.28 7.43 -30.62
N PHE A 152 -26.93 6.36 -29.91
CA PHE A 152 -25.55 5.88 -29.91
C PHE A 152 -25.13 5.44 -31.31
N LYS A 153 -26.01 4.76 -32.03
CA LYS A 153 -25.66 4.40 -33.40
C LYS A 153 -25.37 5.64 -34.24
N ARG A 154 -26.07 6.75 -33.97
CA ARG A 154 -25.83 7.93 -34.80
C ARG A 154 -24.60 8.72 -34.35
N GLY A 155 -24.39 8.88 -33.05
CA GLY A 155 -23.27 9.70 -32.58
C GLY A 155 -22.56 9.26 -31.31
N ALA A 156 -22.86 8.06 -30.82
CA ALA A 156 -22.26 7.53 -29.59
C ALA A 156 -22.49 8.46 -28.40
N PHE A 157 -23.65 9.11 -28.36
CA PHE A 157 -24.05 9.84 -27.17
C PHE A 157 -25.53 9.59 -26.92
N TYR A 158 -25.93 9.68 -25.65
CA TYR A 158 -27.29 9.32 -25.29
C TYR A 158 -27.56 9.79 -23.86
N SER A 159 -28.80 9.64 -23.43
CA SER A 159 -29.18 9.93 -22.06
C SER A 159 -30.06 8.79 -21.56
N GLU A 160 -29.66 8.20 -20.44
CA GLU A 160 -30.33 7.03 -19.88
C GLU A 160 -30.85 7.33 -18.48
N LYS A 161 -32.02 6.82 -18.17
CA LYS A 161 -32.53 6.86 -16.81
C LYS A 161 -31.57 6.16 -15.86
N LEU A 162 -31.57 6.62 -14.60
CA LEU A 162 -30.91 5.88 -13.54
C LEU A 162 -31.64 4.56 -13.31
N PRO A 163 -30.94 3.52 -12.84
CA PRO A 163 -31.55 2.18 -12.80
C PRO A 163 -32.78 2.12 -11.90
N GLY A 164 -33.70 1.24 -12.26
CA GLY A 164 -34.86 0.96 -11.44
C GLY A 164 -36.01 1.91 -11.71
N PRO A 165 -36.99 1.93 -10.81
CA PRO A 165 -38.16 2.81 -11.01
C PRO A 165 -37.82 4.29 -10.95
N SER A 166 -36.68 4.67 -10.38
CA SER A 166 -36.42 6.06 -10.03
C SER A 166 -36.56 6.99 -11.23
N ARG A 167 -37.30 8.08 -11.04
CA ARG A 167 -37.27 9.21 -11.96
C ARG A 167 -36.48 10.37 -11.38
N ALA A 168 -35.81 10.15 -10.26
CA ALA A 168 -34.74 11.04 -9.82
C ALA A 168 -33.50 10.70 -10.64
N GLY A 169 -32.99 11.67 -11.38
CA GLY A 169 -31.68 11.45 -11.95
C GLY A 169 -31.63 10.78 -13.30
N ARG A 170 -30.64 11.19 -14.07
CA ARG A 170 -30.43 10.73 -15.43
C ARG A 170 -28.94 10.84 -15.72
N VAL A 171 -28.39 9.89 -16.46
CA VAL A 171 -26.99 9.93 -16.86
C VAL A 171 -26.92 10.32 -18.33
N VAL A 172 -26.22 11.42 -18.60
CA VAL A 172 -25.99 11.89 -19.96
C VAL A 172 -24.59 11.46 -20.37
N VAL A 173 -24.51 10.59 -21.37
CA VAL A 173 -23.26 10.06 -21.87
C VAL A 173 -22.90 10.82 -23.13
N LEU A 174 -21.77 11.53 -23.09
CA LEU A 174 -21.31 12.38 -24.18
C LEU A 174 -20.24 11.69 -24.99
N ASN A 175 -20.15 12.07 -26.26
CA ASN A 175 -19.03 11.70 -27.12
C ASN A 175 -18.22 12.97 -27.34
N THR A 176 -17.32 13.26 -26.38
CA THR A 176 -16.48 14.45 -26.47
C THR A 176 -15.24 14.23 -27.33
N ASN A 177 -15.03 13.02 -27.82
CA ASN A 177 -14.01 12.80 -28.83
C ASN A 177 -14.30 13.58 -30.11
N LEU A 178 -15.54 14.06 -30.27
CA LEU A 178 -15.87 14.93 -31.39
C LEU A 178 -15.19 16.30 -31.27
N TYR A 179 -14.68 16.64 -30.09
CA TYR A 179 -14.12 17.96 -29.83
C TYR A 179 -12.61 17.98 -29.72
N TYR A 180 -11.97 16.82 -29.67
CA TYR A 180 -10.52 16.74 -29.64
C TYR A 180 -9.94 17.38 -30.89
N SER A 181 -8.92 18.23 -30.71
CA SER A 181 -8.37 18.97 -31.84
C SER A 181 -7.71 18.04 -32.86
N ASN A 182 -7.29 16.86 -32.43
CA ASN A 182 -6.68 15.90 -33.36
C ASN A 182 -7.70 15.18 -34.21
N ASN A 183 -8.98 15.27 -33.87
CA ASN A 183 -10.06 14.66 -34.65
C ASN A 183 -10.31 15.52 -35.88
N GLU A 184 -9.84 15.07 -37.04
CA GLU A 184 -10.05 15.81 -38.27
C GLU A 184 -11.47 15.65 -38.83
N GLN A 185 -12.23 14.66 -38.35
CA GLN A 185 -13.57 14.43 -38.88
C GLN A 185 -14.54 15.54 -38.54
N THR A 186 -14.29 16.31 -37.47
CA THR A 186 -15.21 17.37 -37.06
C THR A 186 -14.64 18.76 -37.26
N ALA A 187 -13.49 18.88 -37.92
CA ALA A 187 -12.96 20.19 -38.24
C ALA A 187 -13.93 20.97 -39.12
N GLY A 188 -14.10 22.24 -38.83
CA GLY A 188 -15.06 23.06 -39.54
C GLY A 188 -16.50 22.89 -39.09
N MET A 189 -16.74 22.08 -38.07
CA MET A 189 -18.08 21.82 -37.54
C MET A 189 -18.27 22.60 -36.24
N ALA A 190 -19.37 23.36 -36.15
CA ALA A 190 -19.61 24.14 -34.93
C ALA A 190 -20.27 23.28 -33.86
N ASP A 191 -21.24 22.43 -34.25
CA ASP A 191 -21.94 21.56 -33.32
C ASP A 191 -22.01 20.15 -33.93
N PRO A 192 -20.89 19.44 -33.95
CA PRO A 192 -20.87 18.11 -34.58
C PRO A 192 -21.90 17.16 -33.96
N GLY A 193 -22.63 16.47 -34.84
CA GLY A 193 -23.67 15.55 -34.45
C GLY A 193 -24.81 16.26 -33.75
N GLU A 194 -24.76 17.59 -33.76
CA GLU A 194 -25.67 18.45 -33.00
C GLU A 194 -25.68 18.07 -31.52
N GLN A 195 -24.50 17.68 -31.00
CA GLN A 195 -24.45 17.20 -29.61
C GLN A 195 -24.80 18.33 -28.63
N PHE A 196 -24.15 19.49 -28.77
CA PHE A 196 -24.40 20.61 -27.87
C PHE A 196 -25.88 20.97 -27.83
N ARG A 197 -26.48 21.18 -29.00
CA ARG A 197 -27.92 21.43 -29.06
C ARG A 197 -28.68 20.34 -28.33
N TRP A 198 -28.40 19.08 -28.69
CA TRP A 198 -29.06 17.96 -28.04
C TRP A 198 -28.89 18.05 -26.53
N LEU A 199 -27.66 18.32 -26.09
CA LEU A 199 -27.38 18.35 -24.66
C LEU A 199 -28.21 19.43 -23.98
N GLY A 200 -28.30 20.61 -24.61
CA GLY A 200 -29.11 21.66 -24.03
C GLY A 200 -30.54 21.21 -23.85
N ASP A 201 -31.10 20.58 -24.88
CA ASP A 201 -32.47 20.09 -24.79
C ASP A 201 -32.60 19.13 -23.63
N VAL A 202 -31.64 18.19 -23.54
CA VAL A 202 -31.69 17.21 -22.46
C VAL A 202 -31.74 17.93 -21.13
N LEU A 203 -30.81 18.87 -20.93
CA LEU A 203 -30.74 19.53 -19.64
C LEU A 203 -32.02 20.32 -19.38
N SER A 204 -32.54 20.98 -20.43
CA SER A 204 -33.80 21.70 -20.25
C SER A 204 -34.89 20.75 -19.81
N ASN A 205 -35.00 19.59 -20.47
CA ASN A 205 -36.02 18.64 -20.10
C ASN A 205 -35.86 18.23 -18.64
N ALA A 206 -34.60 18.04 -18.21
CA ALA A 206 -34.39 17.63 -16.83
C ALA A 206 -34.94 18.67 -15.87
N SER A 207 -34.66 19.95 -16.14
CA SER A 207 -35.19 20.99 -15.28
C SER A 207 -36.71 21.00 -15.33
N ARG A 208 -37.28 20.78 -16.52
CA ARG A 208 -38.73 20.71 -16.62
C ARG A 208 -39.28 19.53 -15.82
N ASP A 209 -38.54 18.41 -15.81
CA ASP A 209 -39.06 17.17 -15.24
C ASP A 209 -38.63 16.94 -13.80
N GLY A 210 -37.89 17.89 -13.21
CA GLY A 210 -37.43 17.75 -11.84
C GLY A 210 -36.39 16.68 -11.65
N GLU A 211 -35.54 16.45 -12.66
CA GLU A 211 -34.48 15.47 -12.59
C GLU A 211 -33.13 16.16 -12.36
N MET A 212 -32.21 15.42 -11.75
CA MET A 212 -30.81 15.82 -11.68
C MET A 212 -30.02 14.93 -12.64
N VAL A 213 -28.85 15.42 -13.06
CA VAL A 213 -28.14 14.80 -14.17
C VAL A 213 -26.69 14.55 -13.77
N TYR A 214 -26.20 13.34 -14.04
CA TYR A 214 -24.77 13.04 -14.05
C TYR A 214 -24.29 13.06 -15.50
N VAL A 215 -23.34 13.92 -15.81
CA VAL A 215 -22.79 14.01 -17.17
C VAL A 215 -21.44 13.31 -17.18
N ILE A 216 -21.28 12.35 -18.09
CA ILE A 216 -20.02 11.63 -18.24
C ILE A 216 -19.53 11.78 -19.68
N GLY A 217 -18.23 11.65 -19.83
CA GLY A 217 -17.59 11.67 -21.14
C GLY A 217 -16.15 11.27 -20.97
N HIS A 218 -15.45 11.16 -22.09
CA HIS A 218 -14.05 10.77 -21.99
C HIS A 218 -13.10 11.96 -21.94
N VAL A 219 -13.06 12.74 -23.02
CA VAL A 219 -12.15 13.88 -23.12
C VAL A 219 -12.76 15.07 -22.40
N PRO A 220 -12.08 15.66 -21.40
CA PRO A 220 -12.66 16.79 -20.68
C PRO A 220 -12.35 18.10 -21.38
N PRO A 221 -13.12 19.15 -21.11
CA PRO A 221 -12.71 20.50 -21.52
C PRO A 221 -11.58 20.97 -20.62
N GLY A 222 -11.06 22.16 -20.88
CA GLY A 222 -10.00 22.67 -20.05
C GLY A 222 -8.65 22.06 -20.34
N PHE A 223 -7.78 22.11 -19.35
CA PHE A 223 -6.36 21.86 -19.55
C PHE A 223 -5.89 20.63 -18.78
N PHE A 224 -4.74 20.12 -19.21
CA PHE A 224 -4.08 18.97 -18.59
C PHE A 224 -3.14 19.49 -17.50
N GLU A 225 -3.32 19.01 -16.27
CA GLU A 225 -2.61 19.59 -15.14
C GLU A 225 -1.14 19.20 -15.11
N LYS A 226 -0.72 18.16 -15.84
CA LYS A 226 0.66 17.69 -15.80
C LYS A 226 1.62 18.49 -16.68
N THR A 227 1.11 19.43 -17.46
CA THR A 227 1.94 20.31 -18.26
C THR A 227 1.21 21.65 -18.35
N GLN A 228 1.75 22.59 -19.13
CA GLN A 228 1.10 23.87 -19.29
C GLN A 228 0.64 24.06 -20.72
N ASN A 229 -0.54 24.65 -20.87
CA ASN A 229 -1.08 25.05 -22.17
C ASN A 229 -1.29 23.83 -23.07
N LYS A 230 -1.81 22.74 -22.49
CA LYS A 230 -2.30 21.60 -23.25
C LYS A 230 -3.79 21.43 -22.97
N ALA A 231 -4.61 21.84 -23.94
CA ALA A 231 -6.03 21.58 -23.92
C ALA A 231 -6.36 20.63 -25.05
N TRP A 232 -7.40 19.80 -24.85
CA TRP A 232 -7.82 18.85 -25.88
C TRP A 232 -8.89 19.41 -26.80
N PHE A 233 -9.88 20.10 -26.24
CA PHE A 233 -10.97 20.67 -27.03
C PHE A 233 -10.44 21.78 -27.94
N ARG A 234 -10.94 21.82 -29.17
CA ARG A 234 -10.84 23.04 -29.94
C ARG A 234 -11.51 24.18 -29.18
N GLU A 235 -10.96 25.39 -29.33
CA GLU A 235 -11.35 26.51 -28.47
C GLU A 235 -12.86 26.75 -28.50
N SER A 236 -13.47 26.72 -29.69
CA SER A 236 -14.90 26.96 -29.78
C SER A 236 -15.68 25.90 -29.01
N PHE A 237 -15.24 24.65 -29.07
CA PHE A 237 -15.89 23.57 -28.34
C PHE A 237 -15.76 23.75 -26.84
N ASN A 238 -14.59 24.19 -26.39
CA ASN A 238 -14.38 24.52 -24.98
C ASN A 238 -15.36 25.60 -24.54
N GLU A 239 -15.48 26.67 -25.33
CA GLU A 239 -16.37 27.76 -24.98
C GLU A 239 -17.82 27.31 -24.95
N GLU A 240 -18.23 26.47 -25.91
CA GLU A 240 -19.60 25.95 -25.91
C GLU A 240 -19.88 25.09 -24.69
N TYR A 241 -18.94 24.21 -24.33
CA TYR A 241 -19.14 23.38 -23.15
C TYR A 241 -19.30 24.25 -21.90
N LEU A 242 -18.45 25.28 -21.78
CA LEU A 242 -18.56 26.20 -20.66
C LEU A 242 -19.91 26.92 -20.66
N LYS A 243 -20.40 27.32 -21.84
CA LYS A 243 -21.71 27.95 -21.93
C LYS A 243 -22.80 27.01 -21.44
N VAL A 244 -22.71 25.74 -21.83
CA VAL A 244 -23.71 24.76 -21.42
C VAL A 244 -23.71 24.62 -19.91
N ILE A 245 -22.53 24.52 -19.30
CA ILE A 245 -22.47 24.39 -17.84
C ILE A 245 -23.01 25.64 -17.16
N GLN A 246 -22.63 26.82 -17.65
CA GLN A 246 -23.10 28.06 -17.04
C GLN A 246 -24.62 28.19 -17.13
N LYS A 247 -25.22 27.71 -18.22
CA LYS A 247 -26.68 27.76 -18.31
C LYS A 247 -27.35 26.71 -17.43
N HIS A 248 -26.86 25.47 -17.45
CA HIS A 248 -27.62 24.35 -16.94
C HIS A 248 -27.05 23.74 -15.67
N HIS A 249 -26.19 24.47 -14.95
CA HIS A 249 -25.55 23.88 -13.76
C HIS A 249 -26.55 23.47 -12.69
N ARG A 250 -27.75 24.04 -12.67
CA ARG A 250 -28.70 23.72 -11.62
C ARG A 250 -29.22 22.30 -11.68
N VAL A 251 -29.14 21.63 -12.84
CA VAL A 251 -29.57 20.25 -12.96
C VAL A 251 -28.41 19.27 -13.05
N ILE A 252 -27.17 19.74 -12.98
CA ILE A 252 -26.00 18.89 -13.11
C ILE A 252 -25.42 18.65 -11.70
N ALA A 253 -25.59 17.42 -11.20
CA ALA A 253 -25.12 17.04 -9.88
C ALA A 253 -23.68 16.57 -9.88
N GLY A 254 -23.02 16.54 -11.03
CA GLY A 254 -21.61 16.20 -11.09
C GLY A 254 -21.20 15.78 -12.48
N GLN A 255 -19.94 16.02 -12.84
CA GLN A 255 -19.43 15.58 -14.12
C GLN A 255 -18.30 14.60 -13.88
N PHE A 256 -18.16 13.62 -14.77
CA PHE A 256 -17.25 12.50 -14.56
C PHE A 256 -16.52 12.22 -15.87
N PHE A 257 -15.21 12.42 -15.89
CA PHE A 257 -14.47 12.28 -17.14
C PHE A 257 -13.17 11.52 -16.89
N GLY A 258 -12.44 11.27 -17.97
CA GLY A 258 -11.16 10.58 -17.88
C GLY A 258 -10.09 11.20 -18.76
N HIS A 259 -9.39 10.35 -19.52
CA HIS A 259 -8.46 10.70 -20.59
C HIS A 259 -7.15 11.29 -20.11
N HIS A 260 -7.06 11.67 -18.83
CA HIS A 260 -5.78 12.15 -18.32
C HIS A 260 -4.97 11.01 -17.71
N HIS A 261 -5.66 10.00 -17.17
CA HIS A 261 -5.11 8.88 -16.42
C HIS A 261 -4.69 9.31 -15.02
N THR A 262 -4.75 10.60 -14.74
CA THR A 262 -4.36 11.18 -13.46
C THR A 262 -5.57 11.68 -12.69
N ASP A 263 -5.40 11.82 -11.38
CA ASP A 263 -6.48 12.17 -10.46
C ASP A 263 -6.49 13.68 -10.25
N SER A 264 -7.53 14.34 -10.75
CA SER A 264 -7.68 15.77 -10.56
C SER A 264 -9.17 16.10 -10.66
N PHE A 265 -9.50 17.38 -10.49
CA PHE A 265 -10.87 17.84 -10.66
C PHE A 265 -10.86 19.24 -11.25
N ARG A 266 -12.00 19.63 -11.81
CA ARG A 266 -12.16 20.93 -12.45
C ARG A 266 -13.36 21.65 -11.85
N MET A 267 -13.15 22.90 -11.46
CA MET A 267 -14.23 23.74 -10.99
C MET A 267 -14.76 24.63 -12.11
N PHE A 268 -16.07 24.85 -12.10
CA PHE A 268 -16.74 25.75 -13.02
C PHE A 268 -17.34 26.89 -12.20
N TYR A 269 -17.17 28.11 -12.71
CA TYR A 269 -17.65 29.32 -12.04
C TYR A 269 -18.51 30.10 -13.00
N ASP A 270 -19.42 30.91 -12.46
CA ASP A 270 -20.19 31.82 -13.28
C ASP A 270 -19.49 33.18 -13.30
N ASN A 271 -20.14 34.16 -13.94
CA ASN A 271 -19.52 35.47 -14.12
C ASN A 271 -19.55 36.33 -12.87
N THR A 272 -20.12 35.84 -11.77
CA THR A 272 -20.01 36.50 -10.48
C THR A 272 -18.94 35.88 -9.60
N GLY A 273 -18.23 34.85 -10.09
CA GLY A 273 -17.26 34.13 -9.30
C GLY A 273 -17.83 32.99 -8.49
N ALA A 274 -19.15 32.79 -8.49
CA ALA A 274 -19.75 31.74 -7.70
C ALA A 274 -19.39 30.37 -8.28
N PRO A 275 -19.01 29.42 -7.43
CA PRO A 275 -18.82 28.05 -7.93
C PRO A 275 -20.17 27.42 -8.27
N ILE A 276 -20.26 26.83 -9.45
CA ILE A 276 -21.53 26.32 -9.96
C ILE A 276 -21.49 24.84 -10.29
N ASN A 277 -20.32 24.24 -10.53
CA ASN A 277 -20.27 22.83 -10.86
C ASN A 277 -18.87 22.30 -10.63
N VAL A 278 -18.75 20.97 -10.60
CA VAL A 278 -17.46 20.31 -10.47
C VAL A 278 -17.39 19.06 -11.34
N MET A 279 -16.23 18.84 -11.94
CA MET A 279 -15.98 17.67 -12.78
C MET A 279 -14.83 16.88 -12.16
N PHE A 280 -15.06 15.59 -11.95
CA PHE A 280 -14.10 14.69 -11.34
C PHE A 280 -13.40 13.91 -12.44
N LEU A 281 -12.07 14.05 -12.51
CA LEU A 281 -11.23 13.36 -13.48
C LEU A 281 -10.67 12.13 -12.79
N THR A 282 -11.24 10.96 -13.10
CA THR A 282 -10.82 9.74 -12.43
C THR A 282 -9.52 9.22 -13.04
N PRO A 283 -8.67 8.61 -12.23
CA PRO A 283 -7.40 8.09 -12.75
C PRO A 283 -7.63 6.86 -13.63
N GLY A 284 -6.59 6.50 -14.38
CA GLY A 284 -6.67 5.37 -15.27
C GLY A 284 -6.26 4.07 -14.61
N VAL A 285 -6.82 2.97 -15.14
CA VAL A 285 -6.32 1.66 -14.75
C VAL A 285 -4.93 1.43 -15.35
N THR A 286 -4.72 1.83 -16.59
CA THR A 286 -3.41 1.66 -17.21
C THR A 286 -2.39 2.51 -16.46
N PRO A 287 -1.17 2.00 -16.27
CA PRO A 287 -0.11 2.79 -15.63
C PRO A 287 0.81 3.51 -16.61
N TRP A 288 0.56 3.33 -17.90
CA TRP A 288 1.43 3.71 -19.01
C TRP A 288 2.04 5.10 -18.83
N LYS A 289 3.37 5.16 -18.87
CA LYS A 289 4.08 6.44 -18.81
C LYS A 289 3.84 7.21 -20.11
N THR A 290 3.23 8.38 -20.00
CA THR A 290 2.77 9.08 -21.19
C THR A 290 3.94 9.65 -21.99
N THR A 291 3.73 9.76 -23.30
CA THR A 291 4.71 10.29 -24.23
C THR A 291 4.37 11.72 -24.65
N LEU A 292 3.41 12.35 -23.99
CA LEU A 292 3.08 13.73 -24.29
C LEU A 292 4.28 14.63 -24.03
N PRO A 293 4.64 15.51 -24.97
CA PRO A 293 5.76 16.43 -24.72
C PRO A 293 5.48 17.34 -23.53
N GLY A 294 6.51 17.60 -22.74
CA GLY A 294 6.36 18.46 -21.58
C GLY A 294 6.21 17.70 -20.27
N VAL A 295 5.54 16.55 -20.33
CA VAL A 295 5.29 15.74 -19.13
C VAL A 295 6.53 14.93 -18.80
N VAL A 296 6.95 14.99 -17.54
CA VAL A 296 8.12 14.25 -17.05
C VAL A 296 7.64 13.14 -16.14
N ASP A 297 8.10 11.91 -16.41
CA ASP A 297 7.81 10.75 -15.56
C ASP A 297 6.31 10.57 -15.34
N GLY A 298 5.55 10.74 -16.42
CA GLY A 298 4.09 10.75 -16.34
C GLY A 298 3.42 9.41 -16.27
N ALA A 299 3.85 8.55 -15.34
CA ALA A 299 3.18 7.29 -15.08
C ALA A 299 2.29 7.43 -13.86
N ASN A 300 1.46 6.41 -13.65
CA ASN A 300 0.60 6.37 -12.46
C ASN A 300 0.39 4.92 -12.05
N ASN A 301 -0.01 4.73 -10.81
CA ASN A 301 -0.44 3.40 -10.43
C ASN A 301 -1.85 3.17 -10.97
N PRO A 302 -2.22 1.91 -11.18
CA PRO A 302 -3.61 1.60 -11.56
C PRO A 302 -4.58 2.04 -10.47
N GLY A 303 -5.66 2.71 -10.89
CA GLY A 303 -6.65 3.21 -9.95
C GLY A 303 -8.05 2.89 -10.40
N ILE A 304 -8.94 2.73 -9.41
CA ILE A 304 -10.37 2.58 -9.61
C ILE A 304 -11.06 3.49 -8.60
N ARG A 305 -12.33 3.84 -8.87
CA ARG A 305 -12.96 4.80 -7.97
C ARG A 305 -14.39 4.40 -7.66
N ILE A 306 -14.83 4.61 -6.42
CA ILE A 306 -16.23 4.46 -6.07
C ILE A 306 -16.76 5.79 -5.57
N PHE A 307 -17.99 6.11 -5.93
CA PHE A 307 -18.68 7.29 -5.43
C PHE A 307 -19.82 6.86 -4.52
N GLU A 308 -19.98 7.60 -3.42
CA GLU A 308 -21.13 7.49 -2.54
C GLU A 308 -22.00 8.73 -2.77
N TYR A 309 -23.29 8.50 -3.00
CA TYR A 309 -24.20 9.56 -3.40
C TYR A 309 -25.58 9.33 -2.81
N ASP A 310 -26.34 10.43 -2.71
CA ASP A 310 -27.72 10.41 -2.26
C ASP A 310 -28.62 10.07 -3.43
N ARG A 311 -29.32 8.94 -3.35
CA ARG A 311 -30.15 8.50 -4.47
C ARG A 311 -31.30 9.46 -4.74
N ALA A 312 -31.81 10.13 -3.72
CA ALA A 312 -32.95 11.02 -3.91
C ALA A 312 -32.55 12.28 -4.68
N THR A 313 -31.37 12.85 -4.38
CA THR A 313 -30.97 14.13 -4.91
C THR A 313 -29.79 14.06 -5.88
N LEU A 314 -29.07 12.93 -5.93
CA LEU A 314 -27.83 12.73 -6.66
C LEU A 314 -26.66 13.50 -6.06
N ASN A 315 -26.86 14.15 -4.91
CA ASN A 315 -25.76 14.82 -4.23
C ASN A 315 -24.62 13.84 -3.98
N LEU A 316 -23.42 14.22 -4.39
CA LEU A 316 -22.25 13.39 -4.18
C LEU A 316 -21.79 13.54 -2.74
N LYS A 317 -21.85 12.45 -1.97
CA LYS A 317 -21.47 12.48 -0.58
C LYS A 317 -19.99 12.21 -0.37
N ASP A 318 -19.39 11.38 -1.22
CA ASP A 318 -17.97 11.08 -1.07
C ASP A 318 -17.49 10.35 -2.30
N LEU A 319 -16.16 10.27 -2.44
CA LEU A 319 -15.55 9.29 -3.33
C LEU A 319 -14.39 8.64 -2.61
N VAL A 320 -14.12 7.39 -2.96
CA VAL A 320 -12.98 6.64 -2.44
C VAL A 320 -12.21 6.13 -3.64
N THR A 321 -10.92 6.47 -3.70
CA THR A 321 -10.06 6.01 -4.77
C THR A 321 -9.16 4.90 -4.25
N TYR A 322 -9.15 3.77 -4.97
CA TYR A 322 -8.36 2.59 -4.68
C TYR A 322 -7.29 2.42 -5.74
N PHE A 323 -6.20 1.77 -5.36
CA PHE A 323 -5.11 1.63 -6.32
C PHE A 323 -4.31 0.36 -6.07
N LEU A 324 -3.55 -0.01 -7.09
CA LEU A 324 -2.62 -1.14 -7.03
C LEU A 324 -1.20 -0.59 -7.11
N ASN A 325 -0.44 -0.74 -6.03
CA ASN A 325 0.98 -0.36 -6.06
C ASN A 325 1.67 -1.38 -6.96
N LEU A 326 1.94 -0.99 -8.20
CA LEU A 326 2.45 -1.92 -9.19
C LEU A 326 3.83 -2.45 -8.81
N ARG A 327 4.68 -1.56 -8.29
CA ARG A 327 5.99 -1.99 -7.80
C ARG A 327 5.86 -3.08 -6.74
N GLN A 328 4.93 -2.92 -5.81
CA GLN A 328 4.72 -3.94 -4.80
C GLN A 328 4.00 -5.15 -5.37
N ALA A 329 2.97 -4.94 -6.19
CA ALA A 329 2.19 -6.06 -6.70
C ALA A 329 3.03 -6.99 -7.56
N ASN A 330 4.06 -6.48 -8.24
CA ASN A 330 4.79 -7.31 -9.18
C ASN A 330 5.69 -8.35 -8.51
N VAL A 331 5.86 -8.31 -7.20
CA VAL A 331 6.62 -9.35 -6.49
C VAL A 331 5.71 -10.24 -5.65
N GLN A 332 4.39 -10.13 -5.79
CA GLN A 332 3.45 -10.81 -4.94
C GLN A 332 2.66 -11.87 -5.71
N GLU A 333 2.21 -12.90 -4.99
CA GLU A 333 1.48 -13.99 -5.62
C GLU A 333 0.16 -13.52 -6.21
N THR A 334 -0.62 -12.79 -5.43
CA THR A 334 -1.90 -12.25 -5.90
C THR A 334 -1.93 -10.77 -5.54
N PRO A 335 -2.10 -9.88 -6.51
CA PRO A 335 -2.11 -8.45 -6.18
C PRO A 335 -3.35 -8.10 -5.38
N ARG A 336 -3.16 -7.23 -4.39
CA ARG A 336 -4.26 -6.76 -3.56
C ARG A 336 -4.37 -5.25 -3.71
N TRP A 337 -5.57 -4.78 -4.00
CA TRP A 337 -5.84 -3.35 -4.11
C TRP A 337 -6.15 -2.77 -2.74
N GLU A 338 -5.72 -1.54 -2.51
CA GLU A 338 -5.94 -0.90 -1.22
C GLU A 338 -6.55 0.49 -1.44
N GLN A 339 -7.24 0.96 -0.41
CA GLN A 339 -7.78 2.31 -0.44
C GLN A 339 -6.65 3.32 -0.53
N GLU A 340 -6.67 4.13 -1.58
CA GLU A 340 -5.70 5.23 -1.65
C GLU A 340 -6.15 6.38 -0.78
N TYR A 341 -7.38 6.83 -0.96
CA TYR A 341 -7.89 7.87 -0.07
C TYR A 341 -9.41 7.97 -0.18
N ARG A 342 -10.00 8.61 0.83
CA ARG A 342 -11.39 9.03 0.82
C ARG A 342 -11.43 10.55 0.78
N LEU A 343 -12.22 11.10 -0.14
CA LEU A 343 -12.17 12.53 -0.42
C LEU A 343 -12.39 13.37 0.83
N THR A 344 -13.47 13.09 1.57
CA THR A 344 -13.82 13.91 2.72
C THR A 344 -12.71 13.90 3.76
N GLU A 345 -12.09 12.74 3.97
CA GLU A 345 -10.97 12.66 4.90
C GLU A 345 -9.75 13.40 4.34
N ALA A 346 -9.47 13.22 3.05
CA ALA A 346 -8.26 13.79 2.46
C ALA A 346 -8.29 15.32 2.50
N TYR A 347 -9.45 15.92 2.25
CA TYR A 347 -9.55 17.38 2.19
C TYR A 347 -10.31 17.99 3.34
N GLN A 348 -10.76 17.20 4.32
CA GLN A 348 -11.47 17.68 5.50
C GLN A 348 -12.68 18.52 5.11
N VAL A 349 -13.52 17.95 4.25
CA VAL A 349 -14.74 18.61 3.76
C VAL A 349 -15.92 17.69 4.02
N PRO A 350 -17.13 18.24 4.14
CA PRO A 350 -18.28 17.42 4.53
C PRO A 350 -18.78 16.48 3.45
N ASP A 351 -18.50 16.73 2.19
CA ASP A 351 -19.04 15.94 1.09
C ASP A 351 -18.21 16.23 -0.15
N ALA A 352 -18.72 15.80 -1.31
CA ALA A 352 -18.09 16.06 -2.60
C ALA A 352 -18.89 17.08 -3.42
N SER A 353 -19.63 17.94 -2.75
CA SER A 353 -20.45 18.94 -3.42
C SER A 353 -19.55 20.02 -4.03
N VAL A 354 -20.20 20.97 -4.72
CA VAL A 354 -19.49 22.06 -5.36
C VAL A 354 -18.76 22.91 -4.33
N SER A 355 -19.46 23.28 -3.24
CA SER A 355 -18.81 24.08 -2.20
C SER A 355 -17.64 23.33 -1.58
N SER A 356 -17.81 22.03 -1.31
CA SER A 356 -16.73 21.24 -0.74
C SER A 356 -15.53 21.17 -1.68
N MET A 357 -15.78 20.97 -2.97
CA MET A 357 -14.68 20.88 -3.93
C MET A 357 -13.96 22.22 -4.07
N HIS A 358 -14.72 23.34 -4.03
CA HIS A 358 -14.09 24.66 -4.01
C HIS A 358 -13.22 24.83 -2.78
N THR A 359 -13.70 24.38 -1.62
CA THR A 359 -12.90 24.42 -0.40
C THR A 359 -11.62 23.61 -0.56
N ALA A 360 -11.74 22.43 -1.18
CA ALA A 360 -10.57 21.59 -1.43
C ALA A 360 -9.56 22.32 -2.31
N LEU A 361 -10.05 22.99 -3.36
CA LEU A 361 -9.13 23.72 -4.23
C LEU A 361 -8.41 24.82 -3.47
N THR A 362 -9.13 25.57 -2.63
CA THR A 362 -8.48 26.65 -1.87
C THR A 362 -7.44 26.09 -0.91
N ARG A 363 -7.74 24.94 -0.28
CA ARG A 363 -6.77 24.30 0.60
C ARG A 363 -5.53 23.88 -0.18
N ILE A 364 -5.73 23.27 -1.34
CA ILE A 364 -4.62 22.87 -2.20
C ILE A 364 -3.77 24.08 -2.56
N ALA A 365 -4.41 25.20 -2.89
CA ALA A 365 -3.70 26.40 -3.30
C ALA A 365 -3.03 27.12 -2.15
N SER A 366 -3.42 26.85 -0.90
CA SER A 366 -2.93 27.63 0.22
C SER A 366 -2.13 26.85 1.27
N GLU A 367 -2.28 25.53 1.36
CA GLU A 367 -1.67 24.76 2.44
C GLU A 367 -0.71 23.74 1.87
N PRO A 368 0.59 23.85 2.15
CA PRO A 368 1.56 22.95 1.50
C PRO A 368 1.27 21.47 1.68
N HIS A 369 0.82 21.04 2.86
CA HIS A 369 0.62 19.60 3.05
C HIS A 369 -0.60 19.10 2.29
N ILE A 370 -1.63 19.94 2.11
CA ILE A 370 -2.76 19.54 1.28
C ILE A 370 -2.37 19.53 -0.20
N LEU A 371 -1.57 20.50 -0.62
CA LEU A 371 -1.07 20.48 -1.99
C LEU A 371 -0.25 19.22 -2.26
N GLN A 372 0.60 18.83 -1.31
CA GLN A 372 1.41 17.63 -1.50
C GLN A 372 0.55 16.37 -1.49
N ARG A 373 -0.45 16.33 -0.60
CA ARG A 373 -1.38 15.20 -0.60
C ARG A 373 -2.07 15.06 -1.95
N TYR A 374 -2.60 16.17 -2.46
CA TYR A 374 -3.25 16.15 -3.76
C TYR A 374 -2.29 15.71 -4.85
N TYR A 375 -1.04 16.21 -4.81
CA TYR A 375 -0.08 15.90 -5.87
C TYR A 375 0.28 14.43 -5.86
N VAL A 376 0.49 13.84 -4.68
CA VAL A 376 0.77 12.42 -4.60
C VAL A 376 -0.40 11.61 -5.15
N TYR A 377 -1.63 12.00 -4.78
CA TYR A 377 -2.80 11.29 -5.30
C TYR A 377 -2.98 11.51 -6.80
N ASN A 378 -2.46 12.61 -7.34
CA ASN A 378 -2.66 12.92 -8.76
C ASN A 378 -2.05 11.86 -9.66
N SER A 379 -0.88 11.33 -9.27
CA SER A 379 -0.26 10.21 -9.98
C SER A 379 -0.66 8.86 -9.42
N VAL A 380 -1.77 8.80 -8.67
CA VAL A 380 -2.21 7.59 -7.99
C VAL A 380 -1.06 7.07 -7.13
N SER A 381 -0.41 7.98 -6.41
CA SER A 381 0.64 7.65 -5.45
C SER A 381 1.83 6.95 -6.12
N TYR A 382 2.12 7.30 -7.37
CA TYR A 382 3.32 6.80 -8.05
C TYR A 382 4.52 7.72 -7.82
N ASN A 383 4.30 9.03 -7.94
CA ASN A 383 5.35 10.02 -7.81
C ASN A 383 5.20 10.71 -6.45
N HIS A 384 6.22 10.57 -5.60
CA HIS A 384 6.18 11.11 -4.25
C HIS A 384 7.04 12.36 -4.07
N LEU A 385 7.64 12.86 -5.15
CA LEU A 385 8.47 14.05 -5.04
C LEU A 385 7.63 15.27 -4.65
N THR A 386 8.30 16.29 -4.17
CA THR A 386 7.63 17.51 -3.74
C THR A 386 7.13 18.30 -4.93
N CYS A 387 5.87 18.74 -4.86
CA CYS A 387 5.31 19.65 -5.85
C CYS A 387 5.73 21.07 -5.47
N GLU A 388 6.67 21.63 -6.24
CA GLU A 388 7.22 22.95 -5.98
C GLU A 388 6.34 24.02 -6.63
N ASP A 389 6.86 25.26 -6.72
CA ASP A 389 6.03 26.41 -7.07
C ASP A 389 5.43 26.28 -8.47
N SER A 390 6.25 25.92 -9.46
CA SER A 390 5.75 25.79 -10.82
C SER A 390 4.70 24.68 -10.92
N CYS A 391 4.98 23.54 -10.27
CA CYS A 391 4.00 22.46 -10.23
C CYS A 391 2.71 22.92 -9.56
N ARG A 392 2.83 23.63 -8.46
CA ARG A 392 1.66 24.17 -7.78
C ARG A 392 0.83 25.04 -8.70
N ILE A 393 1.49 25.95 -9.43
CA ILE A 393 0.77 26.87 -10.30
C ILE A 393 0.09 26.11 -11.45
N GLU A 394 0.80 25.15 -12.03
CA GLU A 394 0.21 24.36 -13.11
C GLU A 394 -1.06 23.66 -12.64
N HIS A 395 -1.01 23.06 -11.44
CA HIS A 395 -2.16 22.30 -10.96
C HIS A 395 -3.30 23.21 -10.52
N VAL A 396 -2.99 24.28 -9.78
CA VAL A 396 -4.04 25.18 -9.32
C VAL A 396 -4.75 25.83 -10.51
N CYS A 397 -3.98 26.32 -11.49
CA CYS A 397 -4.60 26.94 -12.66
C CYS A 397 -5.43 25.94 -13.45
N ALA A 398 -4.93 24.70 -13.61
CA ALA A 398 -5.71 23.71 -14.34
C ALA A 398 -7.02 23.38 -13.62
N ILE A 399 -6.96 23.23 -12.29
CA ILE A 399 -8.18 22.94 -11.53
C ILE A 399 -9.17 24.11 -11.61
N GLN A 400 -8.66 25.34 -11.52
CA GLN A 400 -9.54 26.49 -11.33
C GLN A 400 -10.09 27.06 -12.63
N HIS A 401 -9.39 26.86 -13.75
CA HIS A 401 -9.70 27.58 -14.99
C HIS A 401 -9.84 26.60 -16.15
N VAL A 402 -11.08 26.36 -16.56
CA VAL A 402 -11.32 25.58 -17.76
C VAL A 402 -11.23 26.45 -19.01
N ALA A 403 -11.54 27.75 -18.89
CA ALA A 403 -11.46 28.66 -20.02
C ALA A 403 -10.00 28.93 -20.39
N PHE A 404 -9.75 29.10 -21.69
CA PHE A 404 -8.39 29.26 -22.20
C PHE A 404 -7.74 30.53 -21.65
N ASN A 405 -8.45 31.66 -21.74
CA ASN A 405 -7.87 32.95 -21.41
C ASN A 405 -7.58 33.05 -19.91
N THR A 406 -8.54 32.64 -19.09
CA THR A 406 -8.32 32.68 -17.64
C THR A 406 -7.21 31.74 -17.22
N TYR A 407 -7.12 30.57 -17.84
CA TYR A 407 -6.04 29.64 -17.53
C TYR A 407 -4.68 30.27 -17.86
N ALA A 408 -4.56 30.86 -19.05
CA ALA A 408 -3.28 31.46 -19.44
C ALA A 408 -2.92 32.61 -18.50
N THR A 409 -3.90 33.45 -18.15
CA THR A 409 -3.64 34.54 -17.22
C THR A 409 -3.19 34.01 -15.86
N CYS A 410 -3.84 32.95 -15.38
CA CYS A 410 -3.40 32.31 -14.14
C CYS A 410 -1.97 31.81 -14.26
N LEU A 411 -1.62 31.25 -15.41
CA LEU A 411 -0.26 30.78 -15.64
C LEU A 411 0.75 31.93 -15.60
N HIS A 412 0.32 33.13 -15.98
CA HIS A 412 1.21 34.30 -15.90
C HIS A 412 1.79 34.48 -14.50
N GLY A 413 1.06 34.07 -13.47
CA GLY A 413 1.44 34.30 -12.08
C GLY A 413 2.89 33.97 -11.71
N LEU B 2 -9.13 -21.12 15.75
CA LEU B 2 -7.71 -20.98 15.43
C LEU B 2 -7.03 -20.00 16.38
N GLY B 3 -5.93 -20.41 17.01
CA GLY B 3 -5.24 -19.51 17.91
C GLY B 3 -4.45 -18.47 17.14
N ARG B 4 -4.38 -17.26 17.71
CA ARG B 4 -3.57 -16.20 17.14
C ARG B 4 -2.77 -15.51 18.25
N PHE B 5 -1.57 -15.05 17.89
CA PHE B 5 -0.84 -14.19 18.82
C PHE B 5 -0.05 -13.14 18.06
N TRP B 6 0.04 -11.95 18.67
CA TRP B 6 0.82 -10.88 18.06
C TRP B 6 2.30 -11.05 18.40
N HIS B 7 3.16 -10.59 17.50
CA HIS B 7 4.59 -10.43 17.77
C HIS B 7 5.02 -9.08 17.21
N ILE B 8 5.55 -8.24 18.12
CA ILE B 8 6.05 -6.92 17.78
C ILE B 8 7.39 -6.72 18.46
N SER B 9 8.23 -5.87 17.86
CA SER B 9 9.60 -5.74 18.32
C SER B 9 10.17 -4.41 17.86
N ASP B 10 11.18 -3.96 18.61
CA ASP B 10 12.02 -2.82 18.24
C ASP B 10 11.19 -1.59 17.92
N LEU B 11 10.39 -1.18 18.91
CA LEU B 11 9.55 0.00 18.74
C LEU B 11 10.38 1.26 18.73
N HIS B 12 11.44 1.33 19.53
CA HIS B 12 12.43 2.41 19.52
C HIS B 12 11.79 3.80 19.48
N LEU B 13 11.10 4.12 20.56
CA LEU B 13 10.55 5.46 20.70
C LEU B 13 11.68 6.50 20.65
N ASP B 14 11.52 7.50 19.80
CA ASP B 14 12.36 8.69 19.91
C ASP B 14 11.52 9.75 20.61
N PRO B 15 11.82 10.07 21.87
CA PRO B 15 10.97 11.03 22.62
C PRO B 15 10.99 12.42 22.03
N ASN B 16 12.03 12.77 21.27
CA ASN B 16 12.22 14.13 20.78
C ASN B 16 11.85 14.31 19.32
N TYR B 17 11.17 13.32 18.71
CA TYR B 17 10.75 13.48 17.32
C TYR B 17 9.77 14.63 17.22
N THR B 18 10.11 15.61 16.38
CA THR B 18 9.30 16.79 16.17
C THR B 18 9.39 17.18 14.70
N VAL B 19 8.27 17.59 14.12
CA VAL B 19 8.26 18.02 12.73
C VAL B 19 8.76 19.46 12.66
N SER B 20 10.08 19.61 12.52
CA SER B 20 10.73 20.91 12.62
C SER B 20 11.12 21.44 11.24
N LYS B 21 11.14 22.78 11.14
CA LYS B 21 11.69 23.41 9.95
C LYS B 21 13.19 23.26 9.86
N ASP B 22 13.87 23.08 10.99
CA ASP B 22 15.31 22.80 11.01
C ASP B 22 15.52 21.32 10.77
N PRO B 23 16.13 20.93 9.64
CA PRO B 23 16.32 19.50 9.36
C PRO B 23 17.21 18.80 10.37
N LEU B 24 18.05 19.54 11.09
CA LEU B 24 18.96 18.95 12.06
C LEU B 24 18.35 18.83 13.45
N GLN B 25 17.09 19.25 13.63
CA GLN B 25 16.44 19.17 14.94
C GLN B 25 15.12 18.40 14.85
N VAL B 26 15.01 17.50 13.89
CA VAL B 26 13.81 16.67 13.79
C VAL B 26 13.88 15.48 14.74
N CYS B 27 15.03 14.80 14.79
CA CYS B 27 15.18 13.63 15.65
C CYS B 27 16.65 13.38 15.96
N PRO B 28 17.01 13.27 17.24
CA PRO B 28 18.40 12.92 17.58
C PRO B 28 18.84 11.58 17.02
N SER B 29 17.90 10.65 16.80
CA SER B 29 18.26 9.34 16.25
C SER B 29 18.82 9.43 14.84
N ALA B 30 18.60 10.54 14.14
CA ALA B 30 19.29 10.75 12.87
C ALA B 30 20.68 11.32 13.04
N GLY B 31 21.08 11.63 14.28
CA GLY B 31 22.42 12.19 14.49
C GLY B 31 22.55 13.52 13.76
N SER B 32 23.59 13.63 12.93
CA SER B 32 23.84 14.81 12.14
C SER B 32 23.17 14.78 10.78
N GLN B 33 22.40 13.73 10.48
CA GLN B 33 21.67 13.63 9.22
C GLN B 33 20.64 14.75 9.13
N PRO B 34 20.68 15.60 8.10
CA PRO B 34 19.54 16.48 7.84
C PRO B 34 18.31 15.67 7.47
N VAL B 35 17.20 15.94 8.15
CA VAL B 35 15.94 15.24 7.91
C VAL B 35 15.03 16.24 7.19
N LEU B 36 14.99 16.13 5.87
CA LEU B 36 14.25 17.09 5.05
C LEU B 36 12.81 16.67 4.91
N ASN B 37 11.89 17.59 5.23
CA ASN B 37 10.45 17.37 5.11
C ASN B 37 10.03 16.08 5.82
N ALA B 38 10.23 16.07 7.13
CA ALA B 38 9.78 14.95 7.95
C ALA B 38 8.26 14.99 8.07
N GLY B 39 7.67 13.81 8.31
CA GLY B 39 6.25 13.68 8.42
C GLY B 39 5.80 13.37 9.84
N PRO B 40 4.49 13.40 10.07
CA PRO B 40 3.98 13.19 11.43
C PRO B 40 4.10 11.76 11.93
N TRP B 41 4.26 10.79 11.04
CA TRP B 41 4.28 9.38 11.42
C TRP B 41 5.69 8.80 11.44
N GLY B 42 6.71 9.61 11.19
CA GLY B 42 8.08 9.19 11.26
C GLY B 42 8.84 9.54 10.00
N ASP B 43 10.13 9.24 10.03
CA ASP B 43 11.01 9.39 8.89
C ASP B 43 11.96 8.19 8.84
N TYR B 44 12.34 7.80 7.62
CA TYR B 44 13.21 6.64 7.48
C TYR B 44 14.57 6.87 8.14
N LEU B 45 14.94 8.12 8.41
CA LEU B 45 16.16 8.44 9.13
C LEU B 45 15.98 8.49 10.63
N CYS B 46 14.76 8.39 11.14
CA CYS B 46 14.46 8.59 12.56
C CYS B 46 13.93 7.31 13.17
N ASP B 47 14.15 7.17 14.48
CA ASP B 47 13.41 6.20 15.25
C ASP B 47 11.96 6.66 15.40
N SER B 48 11.15 5.81 16.02
CA SER B 48 9.70 6.01 15.98
C SER B 48 9.29 7.25 16.76
N PRO B 49 8.45 8.12 16.20
CA PRO B 49 7.69 9.05 17.04
C PRO B 49 6.62 8.29 17.82
N TRP B 50 6.16 8.91 18.91
CA TRP B 50 5.10 8.29 19.68
C TRP B 50 3.87 8.03 18.82
N ALA B 51 3.60 8.92 17.86
CA ALA B 51 2.44 8.77 16.99
C ALA B 51 2.51 7.51 16.13
N LEU B 52 3.69 6.94 15.93
CA LEU B 52 3.84 5.72 15.15
C LEU B 52 3.63 4.47 16.00
N ILE B 53 4.22 4.45 17.21
CA ILE B 53 4.02 3.35 18.14
C ILE B 53 2.54 3.26 18.54
N ASN B 54 1.98 4.38 18.97
CA ASN B 54 0.54 4.55 18.89
C ASN B 54 0.17 4.42 17.43
N SER B 55 -0.99 3.82 17.16
CA SER B 55 -1.39 3.45 15.81
C SER B 55 -0.71 2.21 15.26
N SER B 56 0.47 1.83 15.74
CA SER B 56 0.85 0.42 15.56
C SER B 56 0.06 -0.43 16.52
N LEU B 57 -0.06 0.02 17.77
CA LEU B 57 -0.90 -0.68 18.73
C LEU B 57 -2.36 -0.67 18.29
N TYR B 58 -2.84 0.45 17.78
CA TYR B 58 -4.25 0.52 17.39
C TYR B 58 -4.52 -0.21 16.08
N ALA B 59 -3.52 -0.31 15.19
CA ALA B 59 -3.65 -1.21 14.06
C ALA B 59 -3.75 -2.65 14.53
N MET B 60 -2.95 -3.02 15.54
CA MET B 60 -3.07 -4.35 16.12
C MET B 60 -4.48 -4.58 16.64
N LYS B 61 -5.02 -3.61 17.36
CA LYS B 61 -6.37 -3.75 17.92
C LYS B 61 -7.41 -3.90 16.83
N GLU B 62 -7.30 -3.09 15.76
CA GLU B 62 -8.25 -3.20 14.65
C GLU B 62 -8.15 -4.56 13.96
N ILE B 63 -6.93 -5.04 13.72
CA ILE B 63 -6.75 -6.31 13.03
C ILE B 63 -7.19 -7.47 13.92
N GLU B 64 -6.79 -7.46 15.18
CA GLU B 64 -7.11 -8.54 16.11
C GLU B 64 -7.16 -7.98 17.51
N PRO B 65 -8.34 -7.61 18.01
CA PRO B 65 -8.43 -7.08 19.37
C PRO B 65 -8.33 -8.13 20.46
N LYS B 66 -8.47 -9.41 20.13
CA LYS B 66 -8.47 -10.50 21.11
C LYS B 66 -7.47 -11.57 20.70
N PRO B 67 -6.17 -11.27 20.73
CA PRO B 67 -5.18 -12.31 20.52
C PRO B 67 -5.07 -13.20 21.75
N ASP B 68 -4.62 -14.43 21.52
CA ASP B 68 -4.33 -15.31 22.66
C ASP B 68 -3.28 -14.68 23.56
N PHE B 69 -2.27 -14.04 22.97
CA PHE B 69 -1.24 -13.33 23.73
C PHE B 69 -0.43 -12.46 22.78
N ILE B 70 0.45 -11.66 23.37
CA ILE B 70 1.35 -10.79 22.63
C ILE B 70 2.78 -11.11 23.03
N LEU B 71 3.65 -11.29 22.05
CA LEU B 71 5.08 -11.37 22.25
C LEU B 71 5.70 -10.02 21.92
N TRP B 72 6.49 -9.51 22.84
CA TRP B 72 7.11 -8.19 22.76
C TRP B 72 8.58 -8.38 23.09
N THR B 73 9.46 -8.21 22.10
CA THR B 73 10.86 -8.58 22.27
C THR B 73 11.80 -7.37 22.36
N GLY B 74 11.28 -6.23 22.84
CA GLY B 74 12.13 -5.18 23.41
C GLY B 74 12.68 -4.17 22.42
N ASP B 75 13.77 -3.51 22.86
CA ASP B 75 14.41 -2.38 22.17
C ASP B 75 13.46 -1.18 22.04
N ASP B 76 13.26 -0.54 23.19
CA ASP B 76 12.29 0.54 23.32
C ASP B 76 12.87 1.95 23.18
N THR B 77 14.18 2.12 23.31
CA THR B 77 14.82 3.43 23.41
C THR B 77 15.45 3.84 22.08
N PRO B 78 15.68 5.14 21.85
CA PRO B 78 16.22 5.58 20.57
C PRO B 78 17.71 5.33 20.43
N HIS B 79 18.16 5.30 19.19
CA HIS B 79 19.58 5.08 18.86
C HIS B 79 20.30 6.41 19.01
N VAL B 80 20.66 6.71 20.25
CA VAL B 80 21.34 7.96 20.61
C VAL B 80 22.47 7.63 21.58
N PRO B 81 23.43 8.55 21.74
CA PRO B 81 24.46 8.33 22.75
C PRO B 81 23.86 8.13 24.14
N ASN B 82 24.54 7.31 24.94
CA ASN B 82 24.06 7.05 26.31
C ASN B 82 23.90 8.34 27.09
N GLU B 83 24.76 9.33 26.83
CA GLU B 83 24.71 10.60 27.54
C GLU B 83 23.38 11.31 27.31
N SER B 84 22.72 11.06 26.18
CA SER B 84 21.42 11.65 25.90
C SER B 84 20.27 10.91 26.57
N LEU B 85 20.55 9.77 27.20
CA LEU B 85 19.49 8.83 27.60
C LEU B 85 19.94 8.12 28.87
N GLY B 86 19.54 8.66 30.02
CA GLY B 86 19.91 8.08 31.30
C GLY B 86 19.01 6.94 31.72
N GLU B 87 19.30 6.39 32.89
CA GLU B 87 18.52 5.26 33.41
C GLU B 87 17.06 5.63 33.61
N ALA B 88 16.80 6.80 34.18
CA ALA B 88 15.42 7.22 34.43
C ALA B 88 14.64 7.33 33.13
N ALA B 89 15.27 7.90 32.09
CA ALA B 89 14.60 8.00 30.79
C ALA B 89 14.32 6.63 30.20
N VAL B 90 15.27 5.70 30.31
CA VAL B 90 15.07 4.36 29.76
C VAL B 90 13.91 3.66 30.45
N LEU B 91 13.90 3.70 31.79
CA LEU B 91 12.82 3.08 32.54
C LEU B 91 11.48 3.73 32.23
N ALA B 92 11.46 5.06 32.11
CA ALA B 92 10.22 5.74 31.79
C ALA B 92 9.70 5.35 30.41
N ILE B 93 10.60 5.22 29.43
CA ILE B 93 10.17 4.84 28.09
C ILE B 93 9.60 3.42 28.08
N VAL B 94 10.29 2.50 28.75
CA VAL B 94 9.78 1.13 28.84
C VAL B 94 8.41 1.13 29.51
N GLU B 95 8.25 1.94 30.56
CA GLU B 95 6.97 2.03 31.26
C GLU B 95 5.88 2.60 30.37
N ARG B 96 6.21 3.62 29.56
CA ARG B 96 5.20 4.21 28.69
C ARG B 96 4.73 3.22 27.64
N LEU B 97 5.66 2.46 27.04
CA LEU B 97 5.24 1.44 26.08
C LEU B 97 4.42 0.34 26.76
N THR B 98 4.84 -0.07 27.97
CA THR B 98 4.10 -1.07 28.72
C THR B 98 2.67 -0.61 28.98
N ASN B 99 2.52 0.64 29.40
CA ASN B 99 1.18 1.16 29.69
C ASN B 99 0.36 1.32 28.41
N LEU B 100 0.98 1.65 27.29
CA LEU B 100 0.25 1.68 26.03
C LEU B 100 -0.33 0.31 25.69
N ILE B 101 0.51 -0.73 25.82
CA ILE B 101 0.05 -2.08 25.53
C ILE B 101 -1.05 -2.50 26.50
N LYS B 102 -0.87 -2.19 27.79
CA LYS B 102 -1.91 -2.48 28.78
C LYS B 102 -3.21 -1.75 28.46
N GLU B 103 -3.11 -0.54 27.92
CA GLU B 103 -4.31 0.23 27.62
C GLU B 103 -5.05 -0.35 26.42
N VAL B 104 -4.31 -0.68 25.36
CA VAL B 104 -4.97 -1.16 24.14
C VAL B 104 -5.40 -2.62 24.29
N PHE B 105 -4.68 -3.43 25.07
CA PHE B 105 -5.00 -4.83 25.27
C PHE B 105 -5.11 -5.11 26.76
N PRO B 106 -6.17 -4.60 27.40
CA PRO B 106 -6.25 -4.68 28.86
C PRO B 106 -6.33 -6.09 29.42
N ASP B 107 -7.01 -7.00 28.73
CA ASP B 107 -7.23 -8.35 29.25
C ASP B 107 -6.36 -9.38 28.54
N THR B 108 -5.24 -8.96 27.98
CA THR B 108 -4.37 -9.82 27.19
C THR B 108 -3.08 -10.10 27.95
N LYS B 109 -2.72 -11.37 28.05
CA LYS B 109 -1.42 -11.72 28.60
C LYS B 109 -0.32 -11.38 27.60
N VAL B 110 0.73 -10.74 28.08
CA VAL B 110 1.85 -10.32 27.25
C VAL B 110 3.11 -10.96 27.81
N TYR B 111 3.95 -11.51 26.93
CA TYR B 111 5.22 -12.11 27.30
C TYR B 111 6.32 -11.24 26.69
N ALA B 112 7.00 -10.49 27.54
CA ALA B 112 7.87 -9.40 27.11
C ALA B 112 9.32 -9.70 27.45
N ALA B 113 10.21 -9.49 26.48
CA ALA B 113 11.64 -9.62 26.67
C ALA B 113 12.31 -8.25 26.59
N LEU B 114 13.41 -8.11 27.30
CA LEU B 114 14.22 -6.91 27.20
C LEU B 114 15.15 -7.00 26.01
N GLY B 115 15.27 -5.88 25.27
CA GLY B 115 16.26 -5.75 24.23
C GLY B 115 17.47 -4.97 24.70
N ASN B 116 18.54 -5.05 23.91
CA ASN B 116 19.82 -4.49 24.34
C ASN B 116 19.77 -2.98 24.56
N HIS B 117 18.78 -2.29 23.97
CA HIS B 117 18.66 -0.86 24.19
C HIS B 117 17.84 -0.53 25.44
N ASP B 118 17.20 -1.50 26.06
CA ASP B 118 16.41 -1.25 27.28
C ASP B 118 17.29 -1.34 28.52
N PHE B 119 18.40 -0.63 28.49
CA PHE B 119 19.32 -0.58 29.61
C PHE B 119 20.13 0.71 29.49
N HIS B 120 20.66 1.16 30.63
CA HIS B 120 21.62 2.26 30.64
C HIS B 120 22.83 1.80 31.43
N PRO B 121 24.02 1.76 30.81
CA PRO B 121 24.32 2.08 29.42
C PRO B 121 23.83 0.99 28.45
N LYS B 122 23.66 1.32 27.17
CA LYS B 122 23.12 0.36 26.22
C LYS B 122 23.98 -0.88 26.13
N ASN B 123 23.32 -2.03 26.00
CA ASN B 123 23.94 -3.34 25.80
C ASN B 123 24.60 -3.93 27.06
N GLN B 124 24.70 -3.16 28.14
CA GLN B 124 25.49 -3.61 29.29
C GLN B 124 24.61 -4.33 30.32
N PHE B 125 24.04 -5.45 29.89
CA PHE B 125 23.14 -6.21 30.75
C PHE B 125 23.95 -7.04 31.74
N PRO B 126 23.79 -6.83 33.04
CA PRO B 126 24.52 -7.66 34.02
C PRO B 126 23.89 -9.04 34.12
N ALA B 127 24.70 -9.99 34.61
CA ALA B 127 24.22 -11.33 34.91
C ALA B 127 23.76 -11.47 36.34
N GLN B 128 23.22 -10.40 36.92
CA GLN B 128 22.74 -10.39 38.29
C GLN B 128 21.67 -9.33 38.40
N SER B 129 21.05 -9.24 39.58
CA SER B 129 20.02 -8.25 39.82
C SER B 129 20.57 -6.84 39.69
N ASN B 130 19.69 -5.90 39.37
CA ASN B 130 20.05 -4.50 39.24
C ASN B 130 18.77 -3.68 39.23
N ARG B 131 18.94 -2.35 39.26
CA ARG B 131 17.80 -1.45 39.30
C ARG B 131 16.85 -1.68 38.13
N ILE B 132 17.40 -1.84 36.93
CA ILE B 132 16.56 -1.92 35.74
C ILE B 132 15.74 -3.21 35.74
N TYR B 133 16.39 -4.35 36.04
CA TYR B 133 15.64 -5.60 36.11
C TYR B 133 14.52 -5.51 37.15
N ASN B 134 14.82 -4.93 38.32
CA ASN B 134 13.83 -4.81 39.38
C ASN B 134 12.64 -3.96 38.96
N GLN B 135 12.91 -2.76 38.43
CA GLN B 135 11.82 -1.87 38.04
C GLN B 135 11.01 -2.43 36.88
N VAL B 136 11.68 -3.03 35.90
CA VAL B 136 10.95 -3.63 34.78
C VAL B 136 10.13 -4.82 35.27
N ALA B 137 10.64 -5.58 36.25
CA ALA B 137 9.84 -6.64 36.85
C ALA B 137 8.59 -6.07 37.50
N GLU B 138 8.71 -4.92 38.17
CA GLU B 138 7.52 -4.26 38.71
C GLU B 138 6.55 -3.85 37.60
N LEU B 139 7.09 -3.30 36.51
CA LEU B 139 6.25 -2.89 35.39
C LEU B 139 5.48 -4.06 34.78
N TRP B 140 6.15 -5.21 34.65
CA TRP B 140 5.58 -6.36 33.97
C TRP B 140 4.97 -7.39 34.93
N ARG B 141 4.95 -7.09 36.22
CA ARG B 141 4.37 -7.99 37.21
C ARG B 141 2.96 -8.46 36.88
N PRO B 142 2.02 -7.62 36.40
CA PRO B 142 0.69 -8.16 36.07
C PRO B 142 0.74 -9.31 35.08
N TRP B 143 1.74 -9.35 34.22
CA TRP B 143 1.87 -10.39 33.22
C TRP B 143 2.63 -11.61 33.73
N LEU B 144 3.20 -11.55 34.93
CA LEU B 144 4.20 -12.52 35.38
C LEU B 144 3.66 -13.35 36.54
N SER B 145 4.00 -14.63 36.53
CA SER B 145 3.82 -15.46 37.72
C SER B 145 4.82 -15.04 38.80
N ASN B 146 4.57 -15.48 40.03
CA ASN B 146 5.47 -15.13 41.12
C ASN B 146 6.88 -15.65 40.84
N GLU B 147 6.99 -16.89 40.38
CA GLU B 147 8.29 -17.45 40.02
C GLU B 147 8.94 -16.61 38.92
N SER B 148 8.17 -16.24 37.90
CA SER B 148 8.72 -15.43 36.82
C SER B 148 9.12 -14.05 37.31
N TYR B 149 8.39 -13.49 38.25
CA TYR B 149 8.74 -12.19 38.83
C TYR B 149 10.12 -12.25 39.50
N ALA B 150 10.32 -13.24 40.36
CA ALA B 150 11.63 -13.38 41.02
C ALA B 150 12.74 -13.65 40.01
N LEU B 151 12.49 -14.55 39.05
CA LEU B 151 13.50 -14.89 38.05
C LEU B 151 13.86 -13.68 37.20
N PHE B 152 12.86 -12.88 36.82
CA PHE B 152 13.13 -11.68 36.05
C PHE B 152 13.98 -10.71 36.83
N LYS B 153 13.67 -10.51 38.13
CA LYS B 153 14.51 -9.64 38.93
C LYS B 153 15.96 -10.12 38.94
N ARG B 154 16.17 -11.44 38.94
CA ARG B 154 17.55 -11.93 38.95
C ARG B 154 18.24 -11.80 37.59
N GLY B 155 17.56 -12.15 36.50
CA GLY B 155 18.23 -12.22 35.21
C GLY B 155 17.44 -11.83 33.98
N ALA B 156 16.25 -11.26 34.17
CA ALA B 156 15.37 -10.86 33.06
C ALA B 156 15.04 -12.04 32.15
N PHE B 157 14.94 -13.25 32.70
CA PHE B 157 14.43 -14.37 31.92
C PHE B 157 13.51 -15.22 32.79
N TYR B 158 12.56 -15.89 32.15
CA TYR B 158 11.51 -16.59 32.89
C TYR B 158 10.76 -17.48 31.91
N SER B 159 9.82 -18.27 32.45
CA SER B 159 8.96 -19.09 31.60
C SER B 159 7.54 -19.09 32.18
N GLU B 160 6.56 -19.07 31.29
CA GLU B 160 5.16 -18.97 31.64
C GLU B 160 4.36 -20.08 30.96
N LYS B 161 3.48 -20.73 31.72
CA LYS B 161 2.57 -21.71 31.13
C LYS B 161 1.43 -20.97 30.43
N LEU B 162 1.19 -21.31 29.17
CA LEU B 162 0.06 -20.70 28.46
C LEU B 162 -1.25 -21.16 29.09
N PRO B 163 -2.22 -20.25 29.35
CA PRO B 163 -3.46 -20.64 29.99
C PRO B 163 -4.36 -21.54 29.15
N GLY B 164 -4.97 -22.53 29.79
CA GLY B 164 -5.91 -23.43 29.10
C GLY B 164 -5.69 -24.88 29.46
N PRO B 165 -6.72 -25.59 29.97
CA PRO B 165 -6.57 -26.96 30.42
C PRO B 165 -6.14 -27.94 29.36
N SER B 166 -6.50 -27.65 28.10
CA SER B 166 -6.21 -28.58 26.96
C SER B 166 -4.99 -28.11 26.20
N ARG B 167 -4.33 -27.05 26.69
CA ARG B 167 -3.21 -26.45 25.89
C ARG B 167 -1.87 -26.87 26.49
N ALA B 168 -1.00 -27.39 25.63
CA ALA B 168 0.30 -27.94 26.08
C ALA B 168 1.37 -26.87 25.97
N GLY B 169 0.95 -25.62 25.92
CA GLY B 169 1.89 -24.56 25.61
C GLY B 169 2.64 -23.91 26.75
N ARG B 170 3.86 -23.52 26.46
CA ARG B 170 4.68 -22.76 27.39
C ARG B 170 5.54 -21.78 26.61
N VAL B 171 5.70 -20.56 27.15
CA VAL B 171 6.54 -19.54 26.55
C VAL B 171 7.78 -19.37 27.42
N VAL B 172 8.95 -19.45 26.81
CA VAL B 172 10.23 -19.23 27.48
C VAL B 172 10.77 -17.90 26.99
N VAL B 173 11.00 -16.97 27.92
CA VAL B 173 11.46 -15.63 27.61
C VAL B 173 12.91 -15.51 28.05
N LEU B 174 13.79 -15.25 27.09
CA LEU B 174 15.23 -15.21 27.29
C LEU B 174 15.75 -13.79 27.39
N ASN B 175 16.91 -13.67 28.00
CA ASN B 175 17.72 -12.45 27.98
C ASN B 175 18.95 -12.82 27.16
N THR B 176 18.85 -12.67 25.84
CA THR B 176 20.01 -12.94 25.01
C THR B 176 20.93 -11.72 24.87
N ASN B 177 20.57 -10.59 25.48
CA ASN B 177 21.51 -9.47 25.59
C ASN B 177 22.73 -9.85 26.41
N LEU B 178 22.63 -10.89 27.24
CA LEU B 178 23.80 -11.42 27.93
C LEU B 178 24.85 -11.96 26.98
N TYR B 179 24.47 -12.28 25.73
CA TYR B 179 25.38 -12.90 24.78
C TYR B 179 25.91 -11.94 23.72
N TYR B 180 25.39 -10.71 23.67
CA TYR B 180 25.86 -9.73 22.70
C TYR B 180 27.34 -9.40 22.96
N SER B 181 28.13 -9.39 21.87
CA SER B 181 29.57 -9.17 22.02
C SER B 181 29.87 -7.81 22.64
N ASN B 182 29.03 -6.81 22.37
CA ASN B 182 29.23 -5.48 22.95
C ASN B 182 28.96 -5.43 24.44
N ASN B 183 28.32 -6.46 25.00
CA ASN B 183 28.07 -6.51 26.44
C ASN B 183 29.35 -6.91 27.15
N GLU B 184 30.00 -5.94 27.80
CA GLU B 184 31.22 -6.22 28.55
C GLU B 184 30.96 -6.80 29.92
N GLN B 185 29.70 -6.77 30.40
CA GLN B 185 29.39 -7.29 31.72
C GLN B 185 29.46 -8.81 31.78
N THR B 186 29.35 -9.50 30.65
CA THR B 186 29.35 -10.95 30.61
C THR B 186 30.60 -11.53 29.94
N ALA B 187 31.57 -10.69 29.60
CA ALA B 187 32.81 -11.19 29.03
C ALA B 187 33.51 -12.13 30.00
N GLY B 188 34.00 -13.25 29.48
CA GLY B 188 34.65 -14.24 30.31
C GLY B 188 33.73 -15.16 31.06
N MET B 189 32.42 -15.03 30.90
CA MET B 189 31.45 -15.87 31.58
C MET B 189 30.95 -16.95 30.61
N ALA B 190 30.97 -18.20 31.06
CA ALA B 190 30.54 -19.30 30.20
C ALA B 190 29.02 -19.40 30.16
N ASP B 191 28.35 -19.22 31.31
CA ASP B 191 26.90 -19.30 31.41
C ASP B 191 26.39 -18.13 32.25
N PRO B 192 26.37 -16.93 31.70
CA PRO B 192 25.88 -15.78 32.47
C PRO B 192 24.46 -16.00 32.97
N GLY B 193 24.23 -15.65 34.25
CA GLY B 193 22.94 -15.80 34.89
C GLY B 193 22.50 -17.24 34.98
N GLU B 194 23.41 -18.16 34.65
CA GLU B 194 23.09 -19.57 34.49
C GLU B 194 21.91 -19.78 33.55
N GLN B 195 21.77 -18.90 32.55
CA GLN B 195 20.60 -18.97 31.69
C GLN B 195 20.55 -20.29 30.93
N PHE B 196 21.67 -20.68 30.30
CA PHE B 196 21.70 -21.90 29.49
C PHE B 196 21.31 -23.11 30.33
N ARG B 197 21.98 -23.30 31.46
CA ARG B 197 21.60 -24.36 32.39
C ARG B 197 20.11 -24.33 32.66
N TRP B 198 19.60 -23.17 33.10
CA TRP B 198 18.18 -23.03 33.39
C TRP B 198 17.35 -23.43 32.18
N LEU B 199 17.75 -22.94 31.01
CA LEU B 199 16.98 -23.21 29.80
C LEU B 199 16.91 -24.71 29.56
N GLY B 200 18.05 -25.40 29.67
CA GLY B 200 18.02 -26.83 29.47
C GLY B 200 17.04 -27.49 30.42
N ASP B 201 17.12 -27.11 31.70
CA ASP B 201 16.21 -27.68 32.69
C ASP B 201 14.77 -27.46 32.27
N VAL B 202 14.45 -26.22 31.89
CA VAL B 202 13.07 -25.91 31.50
C VAL B 202 12.65 -26.83 30.36
N LEU B 203 13.51 -26.92 29.33
CA LEU B 203 13.15 -27.73 28.18
C LEU B 203 13.04 -29.21 28.58
N SER B 204 13.97 -29.68 29.44
CA SER B 204 13.84 -31.04 29.93
C SER B 204 12.50 -31.23 30.61
N ASN B 205 12.14 -30.28 31.49
CA ASN B 205 10.87 -30.37 32.19
C ASN B 205 9.72 -30.41 31.19
N ALA B 206 9.80 -29.60 30.12
CA ALA B 206 8.73 -29.60 29.14
C ALA B 206 8.56 -30.98 28.53
N SER B 207 9.67 -31.63 28.18
CA SER B 207 9.59 -32.97 27.62
C SER B 207 8.96 -33.91 28.63
N ARG B 208 9.33 -33.77 29.90
CA ARG B 208 8.74 -34.60 30.94
C ARG B 208 7.25 -34.36 31.05
N ASP B 209 6.82 -33.11 30.91
CA ASP B 209 5.45 -32.74 31.22
C ASP B 209 4.54 -32.77 29.99
N GLY B 210 5.06 -33.18 28.84
CA GLY B 210 4.27 -33.20 27.63
C GLY B 210 3.87 -31.81 27.14
N GLU B 211 4.74 -30.83 27.33
CA GLU B 211 4.49 -29.46 26.90
C GLU B 211 5.30 -29.18 25.64
N MET B 212 4.86 -28.15 24.92
CA MET B 212 5.60 -27.59 23.80
C MET B 212 5.95 -26.15 24.12
N VAL B 213 7.05 -25.67 23.55
CA VAL B 213 7.67 -24.44 24.00
C VAL B 213 7.84 -23.47 22.83
N TYR B 214 7.43 -22.23 23.04
CA TYR B 214 7.87 -21.10 22.21
C TYR B 214 9.01 -20.40 22.95
N VAL B 215 10.14 -20.25 22.28
CA VAL B 215 11.29 -19.55 22.86
C VAL B 215 11.37 -18.16 22.22
N ILE B 216 11.37 -17.12 23.04
CA ILE B 216 11.45 -15.76 22.54
C ILE B 216 12.62 -15.05 23.20
N GLY B 217 13.09 -14.01 22.53
CA GLY B 217 14.23 -13.23 23.02
C GLY B 217 14.48 -12.09 22.06
N HIS B 218 15.50 -11.30 22.38
CA HIS B 218 15.71 -10.14 21.52
C HIS B 218 16.83 -10.33 20.50
N VAL B 219 18.05 -10.53 20.99
CA VAL B 219 19.23 -10.70 20.14
C VAL B 219 19.25 -12.15 19.66
N PRO B 220 19.29 -12.40 18.36
CA PRO B 220 19.27 -13.78 17.88
C PRO B 220 20.67 -14.34 17.75
N PRO B 221 20.83 -15.66 17.77
CA PRO B 221 22.12 -16.25 17.40
C PRO B 221 22.31 -16.16 15.89
N GLY B 222 23.45 -16.60 15.39
CA GLY B 222 23.68 -16.55 13.96
C GLY B 222 24.07 -15.16 13.48
N PHE B 223 23.90 -14.95 12.18
CA PHE B 223 24.46 -13.79 11.50
C PHE B 223 23.35 -12.88 10.99
N PHE B 224 23.74 -11.64 10.65
CA PHE B 224 22.82 -10.65 10.12
C PHE B 224 22.76 -10.77 8.60
N GLU B 225 21.57 -11.00 8.06
CA GLU B 225 21.45 -11.32 6.64
C GLU B 225 21.73 -10.13 5.73
N LYS B 226 21.67 -8.91 6.26
CA LYS B 226 21.86 -7.70 5.46
C LYS B 226 23.34 -7.39 5.22
N THR B 227 24.26 -8.13 5.82
CA THR B 227 25.68 -7.84 5.67
C THR B 227 26.44 -9.16 5.66
N GLN B 228 27.76 -9.08 5.82
CA GLN B 228 28.62 -10.25 5.78
C GLN B 228 29.33 -10.43 7.12
N ASN B 229 29.25 -11.65 7.67
CA ASN B 229 30.08 -12.10 8.80
C ASN B 229 29.83 -11.32 10.08
N LYS B 230 28.64 -10.76 10.26
CA LYS B 230 28.29 -10.06 11.50
C LYS B 230 27.42 -10.97 12.35
N ALA B 231 27.98 -11.45 13.45
CA ALA B 231 27.23 -12.20 14.45
C ALA B 231 27.12 -11.36 15.72
N TRP B 232 25.98 -11.46 16.39
CA TRP B 232 25.83 -10.71 17.64
C TRP B 232 26.39 -11.49 18.82
N PHE B 233 26.13 -12.79 18.88
CA PHE B 233 26.63 -13.61 19.98
C PHE B 233 28.15 -13.75 19.90
N ARG B 234 28.80 -13.79 21.07
CA ARG B 234 30.15 -14.34 21.11
C ARG B 234 30.11 -15.79 20.67
N GLU B 235 31.23 -16.26 20.10
CA GLU B 235 31.23 -17.58 19.49
C GLU B 235 30.80 -18.66 20.47
N SER B 236 31.31 -18.61 21.71
CA SER B 236 30.97 -19.64 22.69
C SER B 236 29.47 -19.64 23.00
N PHE B 237 28.86 -18.46 23.12
CA PHE B 237 27.42 -18.39 23.37
C PHE B 237 26.63 -18.91 22.18
N ASN B 238 27.09 -18.62 20.97
CA ASN B 238 26.43 -19.13 19.77
C ASN B 238 26.46 -20.66 19.75
N GLU B 239 27.62 -21.24 20.05
CA GLU B 239 27.74 -22.69 20.11
C GLU B 239 26.83 -23.28 21.19
N GLU B 240 26.77 -22.62 22.35
CA GLU B 240 25.89 -23.08 23.43
C GLU B 240 24.43 -23.08 23.01
N TYR B 241 23.99 -21.99 22.37
CA TYR B 241 22.60 -21.92 21.93
C TYR B 241 22.29 -23.01 20.91
N LEU B 242 23.22 -23.23 19.97
CA LEU B 242 23.01 -24.28 18.98
C LEU B 242 22.92 -25.65 19.65
N LYS B 243 23.76 -25.90 20.64
CA LYS B 243 23.72 -27.17 21.36
C LYS B 243 22.39 -27.35 22.08
N VAL B 244 21.87 -26.27 22.68
CA VAL B 244 20.56 -26.32 23.32
C VAL B 244 19.49 -26.73 22.32
N ILE B 245 19.47 -26.06 21.16
CA ILE B 245 18.45 -26.35 20.17
C ILE B 245 18.58 -27.79 19.67
N GLN B 246 19.82 -28.22 19.41
CA GLN B 246 20.02 -29.57 18.90
C GLN B 246 19.60 -30.64 19.91
N LYS B 247 19.75 -30.36 21.21
CA LYS B 247 19.30 -31.32 22.20
C LYS B 247 17.77 -31.30 22.36
N HIS B 248 17.16 -30.12 22.34
CA HIS B 248 15.78 -29.97 22.81
C HIS B 248 14.79 -29.61 21.71
N HIS B 249 15.15 -29.74 20.43
CA HIS B 249 14.26 -29.30 19.35
C HIS B 249 12.90 -30.00 19.39
N ARG B 250 12.81 -31.20 19.97
CA ARG B 250 11.54 -31.93 19.95
C ARG B 250 10.44 -31.23 20.74
N VAL B 251 10.79 -30.36 21.70
CA VAL B 251 9.78 -29.64 22.47
C VAL B 251 9.70 -28.18 22.08
N ILE B 252 10.50 -27.72 21.13
CA ILE B 252 10.54 -26.32 20.72
C ILE B 252 9.73 -26.20 19.44
N ALA B 253 8.51 -25.68 19.56
CA ALA B 253 7.63 -25.49 18.41
C ALA B 253 7.88 -24.18 17.69
N GLY B 254 8.73 -23.30 18.24
CA GLY B 254 9.02 -22.05 17.59
C GLY B 254 9.95 -21.16 18.39
N GLN B 255 10.72 -20.33 17.67
CA GLN B 255 11.54 -19.29 18.29
C GLN B 255 11.23 -17.97 17.61
N PHE B 256 11.19 -16.89 18.40
CA PHE B 256 10.70 -15.61 17.92
C PHE B 256 11.64 -14.52 18.43
N PHE B 257 12.37 -13.88 17.52
CA PHE B 257 13.37 -12.89 17.91
C PHE B 257 13.23 -11.65 17.04
N GLY B 258 14.00 -10.62 17.41
CA GLY B 258 14.04 -9.39 16.65
C GLY B 258 15.44 -8.83 16.45
N HIS B 259 15.62 -7.55 16.80
CA HIS B 259 16.90 -6.85 16.87
C HIS B 259 17.49 -6.55 15.49
N HIS B 260 16.99 -7.20 14.45
CA HIS B 260 17.46 -6.90 13.10
C HIS B 260 16.67 -5.76 12.47
N HIS B 261 15.39 -5.61 12.84
CA HIS B 261 14.41 -4.69 12.24
C HIS B 261 13.96 -5.20 10.88
N THR B 262 14.58 -6.28 10.40
CA THR B 262 14.31 -6.84 9.09
C THR B 262 13.59 -8.18 9.23
N ASP B 263 12.97 -8.60 8.14
CA ASP B 263 12.13 -9.80 8.13
C ASP B 263 12.95 -10.94 7.55
N SER B 264 13.21 -11.96 8.37
CA SER B 264 13.98 -13.11 7.91
C SER B 264 13.71 -14.27 8.86
N PHE B 265 14.32 -15.41 8.58
CA PHE B 265 14.18 -16.57 9.45
C PHE B 265 15.47 -17.38 9.45
N ARG B 266 15.61 -18.25 10.44
CA ARG B 266 16.83 -19.02 10.64
C ARG B 266 16.47 -20.49 10.77
N MET B 267 17.06 -21.32 9.93
CA MET B 267 16.85 -22.75 10.02
C MET B 267 17.90 -23.37 10.94
N PHE B 268 17.50 -24.45 11.61
CA PHE B 268 18.41 -25.23 12.44
C PHE B 268 18.43 -26.67 11.93
N TYR B 269 19.61 -27.26 11.88
CA TYR B 269 19.80 -28.61 11.34
C TYR B 269 20.64 -29.43 12.31
N ASP B 270 20.42 -30.74 12.29
CA ASP B 270 21.25 -31.65 13.09
C ASP B 270 22.39 -32.17 12.23
N ASN B 271 23.19 -33.09 12.79
CA ASN B 271 24.38 -33.58 12.08
C ASN B 271 24.04 -34.50 10.92
N THR B 272 22.78 -34.88 10.75
CA THR B 272 22.36 -35.59 9.54
C THR B 272 21.80 -34.66 8.47
N GLY B 273 21.80 -33.35 8.72
CA GLY B 273 21.23 -32.42 7.77
C GLY B 273 19.72 -32.29 7.81
N ALA B 274 19.07 -32.93 8.78
CA ALA B 274 17.63 -32.84 8.91
C ALA B 274 17.23 -31.48 9.49
N PRO B 275 16.15 -30.87 8.99
CA PRO B 275 15.61 -29.67 9.64
C PRO B 275 15.01 -30.02 10.99
N ILE B 276 15.36 -29.26 12.01
CA ILE B 276 14.91 -29.55 13.37
C ILE B 276 14.19 -28.38 14.03
N ASN B 277 14.35 -27.15 13.55
CA ASN B 277 13.72 -25.99 14.17
C ASN B 277 13.85 -24.80 13.22
N VAL B 278 13.02 -23.78 13.47
CA VAL B 278 13.07 -22.53 12.73
C VAL B 278 12.83 -21.38 13.69
N MET B 279 13.59 -20.31 13.52
CA MET B 279 13.44 -19.07 14.28
C MET B 279 12.92 -17.98 13.36
N PHE B 280 11.87 -17.29 13.79
CA PHE B 280 11.28 -16.19 13.03
C PHE B 280 11.80 -14.87 13.58
N LEU B 281 12.51 -14.12 12.74
CA LEU B 281 12.98 -12.79 13.07
C LEU B 281 11.98 -11.78 12.51
N THR B 282 11.17 -11.19 13.40
CA THR B 282 10.15 -10.26 12.98
C THR B 282 10.74 -8.87 12.75
N PRO B 283 10.17 -8.10 11.84
CA PRO B 283 10.68 -6.75 11.59
C PRO B 283 10.32 -5.80 12.72
N GLY B 284 10.97 -4.64 12.72
CA GLY B 284 10.74 -3.64 13.74
C GLY B 284 9.66 -2.63 13.37
N VAL B 285 9.10 -2.00 14.40
CA VAL B 285 8.19 -0.89 14.20
C VAL B 285 8.97 0.36 13.80
N THR B 286 10.14 0.55 14.39
CA THR B 286 10.95 1.70 14.00
C THR B 286 11.41 1.52 12.56
N PRO B 287 11.37 2.59 11.75
CA PRO B 287 11.86 2.51 10.38
C PRO B 287 13.33 2.90 10.25
N TRP B 288 13.95 3.26 11.36
CA TRP B 288 15.21 4.00 11.38
C TRP B 288 16.27 3.35 10.51
N LYS B 289 16.87 4.14 9.62
CA LYS B 289 17.95 3.66 8.78
C LYS B 289 19.14 3.34 9.67
N THR B 290 19.57 2.08 9.64
CA THR B 290 20.58 1.59 10.58
C THR B 290 21.96 2.19 10.26
N THR B 291 22.86 2.05 11.23
CA THR B 291 24.23 2.54 11.08
C THR B 291 25.24 1.42 11.33
N GLY B 298 19.47 0.92 4.19
CA GLY B 298 19.21 0.10 5.37
C GLY B 298 18.10 0.60 6.27
N ALA B 299 17.04 1.13 5.67
CA ALA B 299 15.82 1.47 6.38
C ALA B 299 14.74 0.42 6.09
N ASN B 300 13.68 0.45 6.88
CA ASN B 300 12.54 -0.43 6.67
C ASN B 300 11.24 0.33 6.88
N ASN B 301 10.15 -0.22 6.35
CA ASN B 301 8.84 0.28 6.74
C ASN B 301 8.48 -0.28 8.11
N PRO B 302 7.66 0.43 8.88
CA PRO B 302 7.18 -0.12 10.15
C PRO B 302 6.35 -1.39 9.93
N GLY B 303 6.57 -2.37 10.79
CA GLY B 303 5.93 -3.66 10.64
C GLY B 303 5.46 -4.24 11.96
N ILE B 304 4.39 -5.02 11.88
CA ILE B 304 3.89 -5.84 12.99
C ILE B 304 3.57 -7.21 12.42
N ARG B 305 3.43 -8.22 13.31
CA ARG B 305 3.19 -9.56 12.81
C ARG B 305 2.18 -10.29 13.67
N ILE B 306 1.31 -11.07 13.05
CA ILE B 306 0.43 -11.97 13.78
C ILE B 306 0.72 -13.39 13.33
N PHE B 307 0.71 -14.33 14.27
CA PHE B 307 0.86 -15.74 14.00
C PHE B 307 -0.47 -16.44 14.23
N GLU B 308 -0.74 -17.45 13.39
CA GLU B 308 -1.85 -18.37 13.59
C GLU B 308 -1.27 -19.74 13.93
N TYR B 309 -1.82 -20.35 14.98
CA TYR B 309 -1.23 -21.55 15.56
C TYR B 309 -2.31 -22.44 16.16
N ASP B 310 -1.97 -23.71 16.29
CA ASP B 310 -2.81 -24.70 16.94
C ASP B 310 -2.59 -24.64 18.45
N ARG B 311 -3.64 -24.30 19.19
CA ARG B 311 -3.50 -24.16 20.63
C ARG B 311 -3.12 -25.46 21.31
N ALA B 312 -3.56 -26.60 20.77
CA ALA B 312 -3.30 -27.88 21.42
C ALA B 312 -1.83 -28.26 21.36
N THR B 313 -1.15 -27.99 20.25
CA THR B 313 0.20 -28.47 20.04
C THR B 313 1.25 -27.39 19.84
N LEU B 314 0.84 -26.13 19.68
CA LEU B 314 1.69 -25.00 19.32
C LEU B 314 2.22 -25.09 17.89
N ASN B 315 1.70 -26.00 17.08
CA ASN B 315 2.09 -26.07 15.67
C ASN B 315 1.74 -24.76 14.98
N LEU B 316 2.75 -24.11 14.41
CA LEU B 316 2.56 -22.84 13.74
C LEU B 316 1.90 -23.07 12.39
N LYS B 317 0.71 -22.49 12.20
CA LYS B 317 -0.03 -22.69 10.96
C LYS B 317 0.23 -21.60 9.93
N ASP B 318 0.46 -20.37 10.36
CA ASP B 318 0.74 -19.30 9.41
C ASP B 318 1.25 -18.08 10.14
N LEU B 319 1.74 -17.11 9.37
CA LEU B 319 2.01 -15.77 9.87
C LEU B 319 1.58 -14.77 8.81
N VAL B 320 1.10 -13.63 9.27
CA VAL B 320 0.80 -12.50 8.40
C VAL B 320 1.58 -11.30 8.92
N THR B 321 2.34 -10.67 8.03
CA THR B 321 3.06 -9.46 8.37
C THR B 321 2.32 -8.27 7.76
N TYR B 322 2.05 -7.27 8.61
CA TYR B 322 1.40 -6.02 8.26
C TYR B 322 2.42 -4.90 8.31
N PHE B 323 2.22 -3.88 7.47
CA PHE B 323 3.20 -2.82 7.39
C PHE B 323 2.54 -1.49 7.12
N LEU B 324 3.26 -0.44 7.51
CA LEU B 324 2.89 0.95 7.21
C LEU B 324 3.87 1.47 6.16
N ASN B 325 3.34 1.86 5.00
CA ASN B 325 4.16 2.50 3.99
C ASN B 325 4.37 3.94 4.43
N LEU B 326 5.52 4.18 5.08
CA LEU B 326 5.77 5.47 5.72
C LEU B 326 5.74 6.60 4.71
N ARG B 327 6.34 6.38 3.54
CA ARG B 327 6.30 7.38 2.47
C ARG B 327 4.86 7.75 2.12
N GLN B 328 3.99 6.74 2.00
CA GLN B 328 2.59 7.02 1.69
C GLN B 328 1.86 7.58 2.90
N ALA B 329 2.15 7.05 4.09
CA ALA B 329 1.41 7.46 5.28
C ALA B 329 1.64 8.94 5.61
N ASN B 330 2.83 9.46 5.33
CA ASN B 330 3.14 10.82 5.75
C ASN B 330 2.42 11.89 4.93
N VAL B 331 1.65 11.54 3.91
CA VAL B 331 0.80 12.49 3.21
C VAL B 331 -0.69 12.23 3.47
N GLN B 332 -1.01 11.32 4.39
CA GLN B 332 -2.38 10.93 4.65
C GLN B 332 -2.83 11.38 6.03
N GLU B 333 -4.12 11.69 6.15
CA GLU B 333 -4.66 12.22 7.40
C GLU B 333 -4.49 11.22 8.54
N THR B 334 -4.94 9.98 8.33
CA THR B 334 -4.72 8.93 9.31
C THR B 334 -4.16 7.72 8.60
N PRO B 335 -3.08 7.13 9.09
CA PRO B 335 -2.38 6.10 8.33
C PRO B 335 -3.08 4.75 8.39
N ARG B 336 -2.90 3.97 7.34
CA ARG B 336 -3.53 2.67 7.18
C ARG B 336 -2.45 1.60 7.22
N TRP B 337 -2.58 0.65 8.14
CA TRP B 337 -1.72 -0.53 8.16
C TRP B 337 -2.36 -1.60 7.31
N GLU B 338 -1.65 -2.06 6.29
CA GLU B 338 -2.16 -3.04 5.33
C GLU B 338 -1.35 -4.32 5.47
N GLN B 339 -1.98 -5.42 5.08
CA GLN B 339 -1.27 -6.68 4.99
C GLN B 339 -0.10 -6.57 4.02
N GLU B 340 1.09 -6.91 4.50
CA GLU B 340 2.23 -7.03 3.60
C GLU B 340 2.21 -8.39 2.93
N TYR B 341 2.14 -9.46 3.72
CA TYR B 341 2.02 -10.77 3.11
C TYR B 341 1.57 -11.81 4.13
N ARG B 342 1.13 -12.95 3.62
CA ARG B 342 0.85 -14.14 4.39
C ARG B 342 1.85 -15.22 3.98
N LEU B 343 2.48 -15.85 4.97
CA LEU B 343 3.63 -16.73 4.70
C LEU B 343 3.27 -17.86 3.74
N THR B 344 2.14 -18.53 3.98
CA THR B 344 1.77 -19.67 3.15
C THR B 344 1.55 -19.24 1.71
N GLU B 345 0.88 -18.10 1.50
CA GLU B 345 0.71 -17.58 0.15
C GLU B 345 2.06 -17.25 -0.48
N ALA B 346 2.90 -16.49 0.24
CA ALA B 346 4.13 -15.99 -0.34
C ALA B 346 5.04 -17.13 -0.78
N TYR B 347 5.18 -18.17 0.03
CA TYR B 347 6.11 -19.25 -0.31
C TYR B 347 5.43 -20.52 -0.79
N GLN B 348 4.10 -20.54 -0.86
CA GLN B 348 3.33 -21.70 -1.33
C GLN B 348 3.69 -22.95 -0.52
N VAL B 349 3.58 -22.82 0.80
CA VAL B 349 3.82 -23.93 1.72
C VAL B 349 2.53 -24.14 2.51
N PRO B 350 2.33 -25.33 3.08
CA PRO B 350 1.05 -25.60 3.77
C PRO B 350 0.94 -24.95 5.14
N ASP B 351 2.04 -24.59 5.79
CA ASP B 351 2.00 -24.09 7.15
C ASP B 351 3.34 -23.40 7.42
N ALA B 352 3.62 -23.10 8.69
CA ALA B 352 4.88 -22.50 9.09
C ALA B 352 5.74 -23.47 9.89
N SER B 353 5.57 -24.76 9.65
CA SER B 353 6.38 -25.78 10.29
C SER B 353 7.83 -25.71 9.82
N VAL B 354 8.69 -26.53 10.44
CA VAL B 354 10.09 -26.60 10.04
C VAL B 354 10.22 -27.09 8.60
N SER B 355 9.43 -28.09 8.22
CA SER B 355 9.50 -28.59 6.85
C SER B 355 9.08 -27.51 5.85
N SER B 356 8.02 -26.77 6.16
CA SER B 356 7.59 -25.68 5.28
C SER B 356 8.66 -24.61 5.15
N MET B 357 9.32 -24.26 6.25
CA MET B 357 10.30 -23.19 6.15
C MET B 357 11.59 -23.66 5.46
N HIS B 358 11.95 -24.93 5.62
CA HIS B 358 13.04 -25.48 4.82
C HIS B 358 12.70 -25.43 3.34
N THR B 359 11.46 -25.78 2.98
CA THR B 359 11.02 -25.61 1.60
C THR B 359 11.12 -24.14 1.15
N ALA B 360 10.70 -23.22 2.02
CA ALA B 360 10.78 -21.80 1.69
C ALA B 360 12.22 -21.39 1.42
N LEU B 361 13.15 -21.87 2.23
CA LEU B 361 14.56 -21.55 2.00
C LEU B 361 15.03 -22.11 0.66
N THR B 362 14.65 -23.35 0.33
CA THR B 362 15.08 -23.92 -0.95
C THR B 362 14.52 -23.12 -2.12
N ARG B 363 13.26 -22.66 -2.00
CA ARG B 363 12.70 -21.80 -3.04
C ARG B 363 13.45 -20.47 -3.13
N ILE B 364 13.77 -19.87 -1.99
CA ILE B 364 14.52 -18.62 -1.98
C ILE B 364 15.88 -18.80 -2.67
N ALA B 365 16.55 -19.92 -2.38
CA ALA B 365 17.88 -20.17 -2.91
C ALA B 365 17.87 -20.68 -4.35
N SER B 366 16.72 -21.08 -4.88
CA SER B 366 16.65 -21.64 -6.22
C SER B 366 15.78 -20.87 -7.21
N GLU B 367 14.81 -20.07 -6.75
CA GLU B 367 13.85 -19.43 -7.65
C GLU B 367 13.99 -17.91 -7.56
N PRO B 368 14.38 -17.23 -8.64
CA PRO B 368 14.66 -15.78 -8.55
C PRO B 368 13.47 -14.94 -8.11
N HIS B 369 12.25 -15.28 -8.52
CA HIS B 369 11.12 -14.46 -8.11
C HIS B 369 10.77 -14.68 -6.64
N ILE B 370 11.02 -15.88 -6.12
CA ILE B 370 10.85 -16.09 -4.68
C ILE B 370 11.94 -15.36 -3.90
N LEU B 371 13.18 -15.39 -4.39
CA LEU B 371 14.25 -14.63 -3.76
C LEU B 371 13.89 -13.15 -3.71
N GLN B 372 13.38 -12.61 -4.82
CA GLN B 372 13.06 -11.18 -4.84
C GLN B 372 11.88 -10.87 -3.93
N ARG B 373 10.87 -11.75 -3.89
CA ARG B 373 9.77 -11.57 -2.95
C ARG B 373 10.28 -11.51 -1.52
N TYR B 374 11.11 -12.49 -1.13
CA TYR B 374 11.67 -12.50 0.21
C TYR B 374 12.48 -11.23 0.48
N TYR B 375 13.30 -10.81 -0.49
CA TYR B 375 14.15 -9.65 -0.28
C TYR B 375 13.33 -8.38 -0.10
N VAL B 376 12.26 -8.23 -0.88
CA VAL B 376 11.38 -7.07 -0.71
C VAL B 376 10.75 -7.09 0.67
N TYR B 377 10.25 -8.26 1.10
CA TYR B 377 9.67 -8.34 2.44
C TYR B 377 10.72 -8.15 3.53
N ASN B 378 12.00 -8.38 3.23
CA ASN B 378 13.04 -8.27 4.24
C ASN B 378 13.15 -6.86 4.79
N SER B 379 13.00 -5.85 3.93
CA SER B 379 13.02 -4.46 4.37
C SER B 379 11.63 -3.95 4.70
N VAL B 380 10.66 -4.86 4.91
CA VAL B 380 9.25 -4.52 5.08
C VAL B 380 8.81 -3.71 3.87
N SER B 381 9.18 -4.19 2.68
CA SER B 381 8.74 -3.66 1.39
C SER B 381 9.15 -2.20 1.19
N TYR B 382 10.32 -1.83 1.70
CA TYR B 382 10.84 -0.48 1.50
C TYR B 382 11.79 -0.41 0.31
N ASN B 383 12.73 -1.35 0.21
CA ASN B 383 13.72 -1.38 -0.85
C ASN B 383 13.28 -2.40 -1.91
N HIS B 384 13.00 -1.91 -3.12
CA HIS B 384 12.48 -2.75 -4.19
C HIS B 384 13.52 -3.08 -5.25
N LEU B 385 14.78 -2.71 -5.02
CA LEU B 385 15.83 -3.05 -5.97
C LEU B 385 16.05 -4.55 -5.98
N THR B 386 16.67 -5.03 -7.07
CA THR B 386 16.85 -6.45 -7.29
C THR B 386 17.98 -6.99 -6.41
N CYS B 387 17.72 -8.13 -5.76
CA CYS B 387 18.73 -8.82 -4.96
C CYS B 387 19.57 -9.70 -5.89
N GLU B 388 20.84 -9.32 -6.08
CA GLU B 388 21.73 -9.99 -7.02
C GLU B 388 22.54 -11.06 -6.29
N ASP B 389 23.62 -11.53 -6.92
CA ASP B 389 24.32 -12.73 -6.45
C ASP B 389 24.90 -12.54 -5.06
N SER B 390 25.57 -11.42 -4.80
CA SER B 390 26.14 -11.19 -3.48
C SER B 390 25.05 -11.11 -2.42
N CYS B 391 23.99 -10.37 -2.72
CA CYS B 391 22.86 -10.26 -1.79
C CYS B 391 22.22 -11.62 -1.57
N ARG B 392 22.05 -12.40 -2.64
CA ARG B 392 21.51 -13.75 -2.52
C ARG B 392 22.36 -14.60 -1.58
N ILE B 393 23.69 -14.58 -1.78
CA ILE B 393 24.57 -15.41 -0.97
C ILE B 393 24.47 -15.00 0.49
N GLU B 394 24.45 -13.68 0.75
CA GLU B 394 24.37 -13.21 2.13
C GLU B 394 23.10 -13.69 2.81
N HIS B 395 21.96 -13.54 2.13
CA HIS B 395 20.69 -13.92 2.75
C HIS B 395 20.56 -15.43 2.90
N VAL B 396 20.91 -16.18 1.86
CA VAL B 396 20.79 -17.63 1.92
C VAL B 396 21.72 -18.21 3.00
N CYS B 397 22.97 -17.76 3.03
CA CYS B 397 23.90 -18.27 4.03
C CYS B 397 23.46 -17.91 5.44
N ALA B 398 22.93 -16.69 5.63
CA ALA B 398 22.45 -16.33 6.97
C ALA B 398 21.26 -17.18 7.38
N ILE B 399 20.30 -17.39 6.47
CA ILE B 399 19.12 -18.18 6.81
C ILE B 399 19.51 -19.62 7.13
N GLN B 400 20.41 -20.19 6.32
CA GLN B 400 20.70 -21.62 6.39
C GLN B 400 21.70 -21.97 7.49
N HIS B 401 22.59 -21.05 7.86
CA HIS B 401 23.75 -21.39 8.68
C HIS B 401 23.83 -20.47 9.90
N VAL B 402 23.47 -21.03 11.05
CA VAL B 402 23.64 -20.30 12.32
C VAL B 402 25.04 -20.47 12.87
N ALA B 403 25.67 -21.63 12.65
CA ALA B 403 27.03 -21.85 13.14
C ALA B 403 28.03 -21.00 12.37
N PHE B 404 29.08 -20.56 13.06
CA PHE B 404 30.06 -19.65 12.48
C PHE B 404 30.78 -20.28 11.29
N ASN B 405 31.30 -21.49 11.47
CA ASN B 405 32.14 -22.09 10.44
C ASN B 405 31.33 -22.46 9.20
N THR B 406 30.13 -23.03 9.38
CA THR B 406 29.30 -23.34 8.23
C THR B 406 28.91 -22.08 7.48
N TYR B 407 28.63 -21.00 8.22
CA TYR B 407 28.30 -19.73 7.57
C TYR B 407 29.46 -19.21 6.75
N ALA B 408 30.68 -19.25 7.29
CA ALA B 408 31.83 -18.79 6.52
C ALA B 408 32.05 -19.63 5.28
N THR B 409 31.96 -20.95 5.42
CA THR B 409 32.14 -21.84 4.27
C THR B 409 31.09 -21.60 3.20
N CYS B 410 29.83 -21.41 3.61
CA CYS B 410 28.78 -21.04 2.67
C CYS B 410 29.13 -19.75 1.95
N LEU B 411 29.62 -18.77 2.71
CA LEU B 411 29.94 -17.45 2.17
C LEU B 411 31.09 -17.50 1.18
N HIS B 412 31.92 -18.56 1.22
CA HIS B 412 32.95 -18.72 0.20
C HIS B 412 32.37 -18.72 -1.22
N GLY B 413 31.14 -19.18 -1.39
CA GLY B 413 30.51 -19.32 -2.70
C GLY B 413 30.68 -18.19 -3.70
#